data_8UVF
#
_entry.id   8UVF
#
_cell.length_a   1.00
_cell.length_b   1.00
_cell.length_c   1.00
_cell.angle_alpha   90.00
_cell.angle_beta   90.00
_cell.angle_gamma   90.00
#
_symmetry.space_group_name_H-M   'P 1'
#
loop_
_entity.id
_entity.type
_entity.pdbx_description
1 polymer 'Na(+)/dicarboxylate cotransporter 3'
2 non-polymer 'SODIUM ION'
3 non-polymer TETRADECANE
4 non-polymer 1,2-Distearoyl-sn-glycerophosphoethanolamine
5 non-polymer CHOLESTEROL
#
_entity_poly.entity_id   1
_entity_poly.type   'polypeptide(L)'
_entity_poly.pdbx_seq_one_letter_code
;MAALAAAAKKVWSARRLLVLLFTPLALLPVVFALPPKEGRCLFVILLMAVYWCTEALPLSVTALLPIVLFPFMGILPSNK
VCPQYFLDTNFLFLSGLIMASAIEEWNLHRRIALKILMLVGVQPARLILGMMVTTSFLSMWLSNTASTAMMLPIANAILK
SLFGQKEVRKDPSQESEENTAAVRRNGLHTVPTEMQFLASTEAKDHPGETEVPLDLPADSRKEDEYRRNIWKGFLISIPY
SASIGGTATLTGTAPNLILLGQLKSFFPQCDVVNFGSWFIFAFPLMLLFLLAGWLWISFLYGGLSFRGWRKNKSEIRTNA
EDRARAVIREEYQNLGPIKFAEQAVFILFCMFAILLFTRDPKFIPGWASLFNPGFLSDAVTGVAIVTILFFFPSQRPSLK
WWFDFKAPNTETEPLLTWKKAQETVPWNIILLLGGGFAMAKGCEESGLSVWIGGQLHPLENVPPALAVLLITVVIAFFTE
FASNTATIIIFLPVLAELAIRLRVHPLYLMIPGTVGCSFAFMLPVSTPPNSIAFASGHLLVKDMVRTGLLMNLMGVLLLS
LAMNTWAQTIFQLGTFPDWADMYSVNVTALPPTLANDTFRTLSGAGA
;
_entity_poly.pdbx_strand_id   A,B
#
loop_
_chem_comp.id
_chem_comp.type
_chem_comp.name
_chem_comp.formula
3PE non-polymer 1,2-Distearoyl-sn-glycerophosphoethanolamine 'C41 H82 N O8 P'
C14 non-polymer TETRADECANE 'C14 H30'
CLR non-polymer CHOLESTEROL 'C27 H46 O'
NA non-polymer 'SODIUM ION' 'Na 1'
#
# COMPACT_ATOMS: atom_id res chain seq x y z
N MET A 1 37.53 33.62 6.17
CA MET A 1 37.68 32.19 5.92
C MET A 1 36.57 31.40 6.60
N ALA A 2 36.34 31.69 7.89
CA ALA A 2 35.27 31.00 8.61
C ALA A 2 33.89 31.38 8.09
N ALA A 3 33.75 32.57 7.51
CA ALA A 3 32.47 33.00 6.97
C ALA A 3 32.04 32.13 5.80
N LEU A 4 33.00 31.74 4.95
CA LEU A 4 32.65 30.87 3.81
C LEU A 4 32.13 29.52 4.28
N ALA A 5 32.78 28.93 5.28
CA ALA A 5 32.30 27.67 5.84
C ALA A 5 30.96 27.86 6.53
N ALA A 6 30.76 29.03 7.16
CA ALA A 6 29.47 29.32 7.78
C ALA A 6 28.35 29.35 6.75
N ALA A 7 28.57 30.06 5.64
CA ALA A 7 27.57 30.09 4.59
C ALA A 7 27.36 28.71 3.99
N ALA A 8 28.44 27.92 3.90
CA ALA A 8 28.32 26.57 3.38
C ALA A 8 27.42 25.71 4.26
N LYS A 9 27.62 25.78 5.59
CA LYS A 9 26.78 24.96 6.45
C LYS A 9 25.35 25.49 6.49
N LYS A 10 25.17 26.80 6.33
CA LYS A 10 23.82 27.34 6.24
C LYS A 10 23.09 26.79 5.02
N VAL A 11 23.76 26.78 3.87
CA VAL A 11 23.13 26.27 2.65
C VAL A 11 22.90 24.76 2.78
N TRP A 12 23.83 24.03 3.38
CA TRP A 12 23.66 22.58 3.51
C TRP A 12 22.56 22.23 4.49
N SER A 13 22.32 23.06 5.51
CA SER A 13 21.27 22.77 6.48
C SER A 13 19.89 22.81 5.82
N ALA A 14 19.66 23.75 4.92
CA ALA A 14 18.39 23.90 4.24
C ALA A 14 18.44 23.40 2.79
N ARG A 15 19.27 22.40 2.51
CA ARG A 15 19.42 21.91 1.14
C ARG A 15 18.14 21.30 0.61
N ARG A 16 17.36 20.65 1.48
CA ARG A 16 16.10 20.03 1.06
C ARG A 16 15.17 21.08 0.46
N LEU A 17 14.83 22.10 1.24
CA LEU A 17 13.90 23.12 0.77
C LEU A 17 14.48 23.94 -0.37
N LEU A 18 15.79 24.23 -0.32
CA LEU A 18 16.42 25.00 -1.39
C LEU A 18 16.32 24.26 -2.71
N VAL A 19 16.66 22.97 -2.72
CA VAL A 19 16.54 22.17 -3.93
C VAL A 19 15.08 22.09 -4.37
N LEU A 20 14.18 21.87 -3.42
CA LEU A 20 12.77 21.69 -3.76
C LEU A 20 12.20 22.93 -4.42
N LEU A 21 12.56 24.12 -3.94
CA LEU A 21 12.02 25.36 -4.48
C LEU A 21 12.77 25.87 -5.70
N PHE A 22 14.05 25.53 -5.86
CA PHE A 22 14.81 26.06 -6.98
C PHE A 22 14.88 25.12 -8.18
N THR A 23 14.61 23.83 -7.99
CA THR A 23 14.60 22.92 -9.14
C THR A 23 13.53 23.26 -10.16
N PRO A 24 12.27 23.56 -9.79
CA PRO A 24 11.32 23.98 -10.83
C PRO A 24 11.75 25.23 -11.57
N LEU A 25 12.32 26.21 -10.87
CA LEU A 25 12.80 27.43 -11.53
C LEU A 25 13.94 27.11 -12.48
N ALA A 26 14.87 26.24 -12.06
CA ALA A 26 15.99 25.87 -12.91
C ALA A 26 15.51 25.11 -14.15
N LEU A 27 14.53 24.24 -14.00
CA LEU A 27 14.03 23.42 -15.09
C LEU A 27 12.94 24.10 -15.93
N LEU A 28 12.51 25.29 -15.53
CA LEU A 28 11.52 26.02 -16.30
C LEU A 28 11.88 26.22 -17.77
N PRO A 29 13.12 26.56 -18.15
CA PRO A 29 13.41 26.74 -19.58
C PRO A 29 13.20 25.48 -20.42
N VAL A 30 13.16 24.30 -19.81
CA VAL A 30 12.90 23.08 -20.57
C VAL A 30 11.52 23.14 -21.22
N VAL A 31 10.54 23.70 -20.53
CA VAL A 31 9.18 23.75 -21.05
C VAL A 31 9.13 24.60 -22.32
N PHE A 32 9.81 25.74 -22.30
CA PHE A 32 9.81 26.62 -23.48
C PHE A 32 10.70 26.07 -24.59
N ALA A 33 11.76 25.34 -24.22
CA ALA A 33 12.69 24.84 -25.23
C ALA A 33 12.04 23.78 -26.12
N LEU A 34 11.28 22.88 -25.53
CA LEU A 34 10.68 21.77 -26.25
C LEU A 34 9.26 22.10 -26.66
N PRO A 35 8.65 21.26 -27.51
CA PRO A 35 7.22 21.39 -27.76
C PRO A 35 6.45 21.22 -26.47
N PRO A 36 5.26 21.83 -26.37
CA PRO A 36 4.59 21.96 -25.06
C PRO A 36 4.38 20.65 -24.31
N LYS A 37 3.76 19.65 -24.93
CA LYS A 37 3.46 18.42 -24.22
C LYS A 37 4.74 17.67 -23.86
N GLU A 38 5.62 17.49 -24.83
CA GLU A 38 6.90 16.83 -24.57
C GLU A 38 7.74 17.64 -23.57
N GLY A 39 7.72 18.97 -23.70
CA GLY A 39 8.48 19.79 -22.78
C GLY A 39 8.00 19.67 -21.35
N ARG A 40 6.68 19.66 -21.15
CA ARG A 40 6.14 19.50 -19.80
C ARG A 40 6.42 18.12 -19.25
N CYS A 41 6.34 17.08 -20.09
CA CYS A 41 6.68 15.74 -19.63
C CYS A 41 8.16 15.66 -19.22
N LEU A 42 9.04 16.25 -20.01
CA LEU A 42 10.46 16.26 -19.67
C LEU A 42 10.70 17.05 -18.39
N PHE A 43 9.98 18.16 -18.21
CA PHE A 43 10.10 18.92 -16.97
C PHE A 43 9.72 18.06 -15.77
N VAL A 44 8.61 17.33 -15.88
CA VAL A 44 8.18 16.47 -14.77
C VAL A 44 9.21 15.40 -14.50
N ILE A 45 9.72 14.76 -15.55
CA ILE A 45 10.68 13.68 -15.38
C ILE A 45 11.97 14.19 -14.75
N LEU A 46 12.47 15.33 -15.23
CA LEU A 46 13.70 15.88 -14.67
C LEU A 46 13.52 16.33 -13.22
N LEU A 47 12.36 16.92 -12.91
CA LEU A 47 12.08 17.31 -11.53
C LEU A 47 12.05 16.09 -10.63
N MET A 48 11.41 15.01 -11.08
CA MET A 48 11.37 13.78 -10.29
C MET A 48 12.77 13.19 -10.12
N ALA A 49 13.59 13.25 -11.18
CA ALA A 49 14.95 12.74 -11.09
C ALA A 49 15.78 13.52 -10.08
N VAL A 50 15.68 14.85 -10.11
CA VAL A 50 16.44 15.66 -9.16
C VAL A 50 15.95 15.43 -7.74
N TYR A 51 14.63 15.37 -7.54
CA TYR A 51 14.10 15.12 -6.21
C TYR A 51 14.50 13.75 -5.69
N TRP A 52 14.61 12.76 -6.57
CA TRP A 52 15.05 11.44 -6.14
C TRP A 52 16.54 11.44 -5.79
N CYS A 53 17.36 12.10 -6.61
CA CYS A 53 18.79 12.06 -6.38
C CYS A 53 19.18 12.86 -5.13
N THR A 54 18.45 13.93 -4.83
CA THR A 54 18.73 14.73 -3.64
C THR A 54 17.91 14.30 -2.43
N GLU A 55 17.01 13.34 -2.59
CA GLU A 55 15.94 13.05 -1.62
C GLU A 55 15.40 14.34 -1.00
N ALA A 56 15.12 15.33 -1.85
CA ALA A 56 14.46 16.54 -1.39
C ALA A 56 13.09 16.24 -0.82
N LEU A 57 12.46 15.17 -1.29
CA LEU A 57 11.23 14.60 -0.77
C LEU A 57 11.50 13.14 -0.47
N PRO A 58 10.64 12.49 0.31
CA PRO A 58 10.71 11.03 0.41
C PRO A 58 10.51 10.41 -0.97
N LEU A 59 11.21 9.30 -1.22
CA LEU A 59 11.20 8.69 -2.55
C LEU A 59 9.79 8.32 -2.99
N SER A 60 9.00 7.75 -2.07
CA SER A 60 7.63 7.40 -2.41
C SER A 60 6.78 8.65 -2.64
N VAL A 61 7.04 9.72 -1.89
CA VAL A 61 6.32 10.97 -2.10
C VAL A 61 6.64 11.56 -3.45
N THR A 62 7.92 11.55 -3.84
CA THR A 62 8.30 11.97 -5.18
C THR A 62 7.67 11.07 -6.24
N ALA A 63 7.51 9.79 -5.94
CA ALA A 63 6.86 8.88 -6.88
C ALA A 63 5.39 9.22 -7.08
N LEU A 64 4.78 9.97 -6.17
CA LEU A 64 3.40 10.43 -6.34
C LEU A 64 3.30 11.69 -7.16
N LEU A 65 4.44 12.29 -7.54
CA LEU A 65 4.41 13.49 -8.37
C LEU A 65 3.66 13.34 -9.69
N PRO A 66 3.75 12.22 -10.42
CA PRO A 66 2.98 12.12 -11.67
C PRO A 66 1.49 12.35 -11.49
N ILE A 67 0.90 11.83 -10.40
CA ILE A 67 -0.54 11.99 -10.17
C ILE A 67 -0.91 13.47 -10.11
N VAL A 68 -0.02 14.31 -9.58
CA VAL A 68 -0.28 15.74 -9.55
C VAL A 68 0.03 16.37 -10.90
N LEU A 69 1.25 16.17 -11.39
CA LEU A 69 1.77 17.00 -12.48
C LEU A 69 1.16 16.63 -13.83
N PHE A 70 1.03 15.33 -14.12
CA PHE A 70 0.50 14.94 -15.43
C PHE A 70 -0.89 15.49 -15.70
N PRO A 71 -1.84 15.48 -14.76
CA PRO A 71 -3.15 16.08 -15.07
C PRO A 71 -3.13 17.60 -15.18
N PHE A 72 -2.40 18.30 -14.30
CA PHE A 72 -2.35 19.76 -14.41
C PHE A 72 -1.72 20.21 -15.73
N MET A 73 -0.66 19.53 -16.15
CA MET A 73 0.03 19.88 -17.39
C MET A 73 -0.58 19.22 -18.62
N GLY A 74 -1.69 18.49 -18.46
CA GLY A 74 -2.39 17.94 -19.60
C GLY A 74 -1.73 16.75 -20.24
N ILE A 75 -0.71 16.17 -19.61
CA ILE A 75 -0.02 15.03 -20.20
C ILE A 75 -0.91 13.79 -20.13
N LEU A 76 -1.55 13.55 -19.00
CA LEU A 76 -2.31 12.32 -18.80
C LEU A 76 -3.36 12.55 -17.73
N PRO A 77 -4.60 12.09 -17.93
CA PRO A 77 -5.64 12.33 -16.94
C PRO A 77 -5.47 11.44 -15.72
N SER A 78 -6.23 11.77 -14.67
CA SER A 78 -6.11 11.07 -13.39
C SER A 78 -6.42 9.59 -13.54
N ASN A 79 -7.49 9.26 -14.26
CA ASN A 79 -7.94 7.89 -14.43
C ASN A 79 -6.99 7.06 -15.28
N LYS A 80 -5.97 7.66 -15.87
CA LYS A 80 -4.92 6.93 -16.56
C LYS A 80 -3.61 6.87 -15.77
N VAL A 81 -3.26 7.94 -15.07
CA VAL A 81 -2.04 7.92 -14.26
C VAL A 81 -2.20 7.00 -13.06
N CYS A 82 -3.32 7.11 -12.34
CA CYS A 82 -3.46 6.39 -11.07
C CYS A 82 -3.46 4.87 -11.23
N PRO A 83 -4.12 4.21 -12.22
CA PRO A 83 -4.02 2.74 -12.39
C PRO A 83 -2.64 2.17 -12.75
N GLN A 84 -1.75 2.95 -13.32
CA GLN A 84 -0.36 2.54 -13.58
C GLN A 84 0.38 2.17 -12.29
N TYR A 85 -0.10 2.56 -11.13
CA TYR A 85 0.60 2.33 -9.85
C TYR A 85 0.34 0.93 -9.30
N PHE A 86 -0.59 0.21 -9.89
CA PHE A 86 -0.83 -1.19 -9.51
C PHE A 86 -0.95 -2.10 -10.73
N LEU A 87 -0.10 -1.94 -11.73
CA LEU A 87 0.12 -2.95 -12.80
C LEU A 87 0.49 -4.29 -12.13
N ASP A 88 0.35 -5.48 -12.76
CA ASP A 88 0.55 -6.80 -12.14
C ASP A 88 1.99 -7.02 -11.72
N THR A 89 2.94 -6.30 -12.32
CA THR A 89 4.32 -6.37 -11.86
C THR A 89 4.42 -5.97 -10.38
N ASN A 90 3.68 -4.94 -9.98
CA ASN A 90 3.75 -4.49 -8.59
C ASN A 90 3.04 -5.47 -7.66
N PHE A 91 2.06 -6.22 -8.17
CA PHE A 91 1.46 -7.25 -7.34
C PHE A 91 2.36 -8.48 -7.21
N LEU A 92 3.15 -8.77 -8.24
CA LEU A 92 4.21 -9.76 -8.08
C LEU A 92 5.22 -9.31 -7.03
N PHE A 93 5.56 -8.02 -7.06
CA PHE A 93 6.41 -7.45 -6.01
C PHE A 93 5.79 -7.63 -4.64
N LEU A 94 4.50 -7.33 -4.51
CA LEU A 94 3.82 -7.46 -3.22
C LEU A 94 3.81 -8.91 -2.74
N SER A 95 3.57 -9.85 -3.66
CA SER A 95 3.59 -11.26 -3.28
C SER A 95 4.98 -11.69 -2.82
N GLY A 96 6.02 -11.24 -3.52
CA GLY A 96 7.37 -11.53 -3.08
C GLY A 96 7.69 -10.94 -1.71
N LEU A 97 7.22 -9.71 -1.47
CA LEU A 97 7.45 -9.08 -0.17
C LEU A 97 6.69 -9.82 0.94
N ILE A 98 5.48 -10.27 0.66
CA ILE A 98 4.72 -11.03 1.65
C ILE A 98 5.41 -12.36 1.94
N MET A 99 5.93 -13.01 0.91
CA MET A 99 6.64 -14.27 1.14
C MET A 99 7.91 -14.05 1.93
N ALA A 100 8.63 -12.97 1.65
CA ALA A 100 9.81 -12.63 2.44
C ALA A 100 9.44 -12.33 3.89
N SER A 101 8.31 -11.65 4.10
CA SER A 101 7.84 -11.40 5.46
C SER A 101 7.53 -12.69 6.18
N ALA A 102 6.90 -13.65 5.49
CA ALA A 102 6.64 -14.95 6.10
C ALA A 102 7.92 -15.69 6.43
N ILE A 103 8.92 -15.61 5.54
CA ILE A 103 10.19 -16.27 5.78
C ILE A 103 10.90 -15.66 6.99
N GLU A 104 10.92 -14.33 7.08
CA GLU A 104 11.61 -13.68 8.18
C GLU A 104 10.83 -13.79 9.49
N GLU A 105 9.52 -13.99 9.41
CA GLU A 105 8.71 -14.11 10.62
C GLU A 105 9.09 -15.36 11.42
N TRP A 106 9.38 -16.45 10.73
CA TRP A 106 9.67 -17.72 11.39
C TRP A 106 11.17 -18.01 11.45
N ASN A 107 12.01 -17.02 11.16
CA ASN A 107 13.47 -17.15 11.24
C ASN A 107 13.99 -18.26 10.32
N LEU A 108 13.28 -18.53 9.23
CA LEU A 108 13.77 -19.51 8.25
C LEU A 108 15.04 -19.01 7.58
N HIS A 109 15.11 -17.70 7.33
CA HIS A 109 16.31 -17.13 6.70
C HIS A 109 17.53 -17.32 7.58
N ARG A 110 17.38 -17.11 8.90
CA ARG A 110 18.52 -17.31 9.81
C ARG A 110 18.95 -18.78 9.85
N ARG A 111 17.99 -19.71 9.84
CA ARG A 111 18.33 -21.12 9.84
C ARG A 111 19.08 -21.49 8.58
N ILE A 112 18.60 -21.03 7.42
CA ILE A 112 19.29 -21.31 6.16
C ILE A 112 20.69 -20.69 6.17
N ALA A 113 20.81 -19.47 6.67
CA ALA A 113 22.10 -18.79 6.70
C ALA A 113 23.10 -19.55 7.57
N LEU A 114 22.70 -19.93 8.77
CA LEU A 114 23.61 -20.63 9.66
C LEU A 114 23.95 -22.01 9.14
N LYS A 115 22.99 -22.68 8.50
CA LYS A 115 23.29 -23.97 7.87
C LYS A 115 24.33 -23.83 6.78
N ILE A 116 24.15 -22.85 5.89
CA ILE A 116 25.12 -22.65 4.81
C ILE A 116 26.49 -22.31 5.39
N LEU A 117 26.52 -21.50 6.45
CA LEU A 117 27.79 -21.15 7.08
C LEU A 117 28.48 -22.37 7.67
N MET A 118 27.71 -23.29 8.24
CA MET A 118 28.31 -24.53 8.74
C MET A 118 28.85 -25.39 7.60
N LEU A 119 28.09 -25.54 6.51
CA LEU A 119 28.55 -26.39 5.42
C LEU A 119 29.77 -25.82 4.71
N VAL A 120 29.85 -24.50 4.50
CA VAL A 120 30.93 -23.96 3.69
C VAL A 120 32.28 -24.19 4.36
N GLY A 121 32.38 -23.92 5.66
CA GLY A 121 33.61 -24.10 6.38
C GLY A 121 33.95 -22.88 7.20
N VAL A 122 35.20 -22.81 7.67
CA VAL A 122 35.64 -21.74 8.55
C VAL A 122 36.93 -21.08 8.08
N GLN A 123 37.67 -21.66 7.13
CA GLN A 123 38.88 -21.04 6.65
C GLN A 123 38.57 -19.67 6.06
N PRO A 124 39.49 -18.69 6.20
CA PRO A 124 39.12 -17.30 5.86
C PRO A 124 38.61 -17.12 4.44
N ALA A 125 39.25 -17.75 3.45
CA ALA A 125 38.72 -17.70 2.10
C ALA A 125 37.38 -18.43 2.02
N ARG A 126 37.30 -19.62 2.62
CA ARG A 126 36.05 -20.36 2.63
C ARG A 126 34.98 -19.64 3.42
N LEU A 127 35.35 -18.96 4.50
CA LEU A 127 34.35 -18.26 5.30
C LEU A 127 33.84 -17.00 4.60
N ILE A 128 34.73 -16.29 3.89
CA ILE A 128 34.28 -15.20 3.02
C ILE A 128 33.33 -15.73 1.96
N LEU A 129 33.69 -16.85 1.34
CA LEU A 129 32.85 -17.42 0.30
C LEU A 129 31.49 -17.82 0.85
N GLY A 130 31.46 -18.39 2.06
CA GLY A 130 30.20 -18.75 2.67
C GLY A 130 29.34 -17.56 2.98
N MET A 131 29.94 -16.50 3.53
CA MET A 131 29.18 -15.28 3.80
C MET A 131 28.59 -14.70 2.52
N MET A 132 29.39 -14.63 1.46
CA MET A 132 28.91 -14.06 0.21
C MET A 132 27.82 -14.92 -0.42
N VAL A 133 28.00 -16.25 -0.41
CA VAL A 133 27.00 -17.14 -0.97
C VAL A 133 25.70 -17.03 -0.19
N THR A 134 25.78 -17.00 1.14
CA THR A 134 24.59 -16.87 1.97
C THR A 134 23.86 -15.57 1.69
N THR A 135 24.58 -14.45 1.67
CA THR A 135 23.94 -13.16 1.47
C THR A 135 23.33 -13.05 0.08
N SER A 136 24.04 -13.54 -0.95
CA SER A 136 23.51 -13.49 -2.31
C SER A 136 22.28 -14.38 -2.46
N PHE A 137 22.30 -15.57 -1.86
CA PHE A 137 21.14 -16.44 -1.93
C PHE A 137 19.93 -15.84 -1.22
N LEU A 138 20.16 -15.24 -0.04
CA LEU A 138 19.06 -14.65 0.70
C LEU A 138 18.53 -13.39 0.06
N SER A 139 19.37 -12.65 -0.67
CA SER A 139 18.93 -11.44 -1.34
C SER A 139 18.13 -11.72 -2.61
N MET A 140 18.16 -12.95 -3.11
CA MET A 140 17.30 -13.30 -4.24
C MET A 140 15.83 -13.31 -3.85
N TRP A 141 15.52 -13.45 -2.56
CA TRP A 141 14.15 -13.52 -2.09
C TRP A 141 13.82 -12.49 -1.04
N LEU A 142 14.77 -12.10 -0.19
CA LEU A 142 14.58 -11.01 0.75
C LEU A 142 15.20 -9.75 0.18
N SER A 143 14.93 -8.62 0.85
CA SER A 143 15.52 -7.36 0.44
C SER A 143 17.02 -7.36 0.76
N ASN A 144 17.77 -6.61 -0.05
CA ASN A 144 19.21 -6.49 0.18
C ASN A 144 19.49 -5.88 1.55
N THR A 145 18.69 -4.88 1.92
CA THR A 145 18.86 -4.24 3.22
C THR A 145 18.67 -5.24 4.36
N ALA A 146 17.59 -6.03 4.30
CA ALA A 146 17.33 -7.01 5.35
C ALA A 146 18.40 -8.08 5.40
N SER A 147 18.84 -8.56 4.23
CA SER A 147 19.87 -9.59 4.18
C SER A 147 21.18 -9.08 4.79
N THR A 148 21.58 -7.86 4.43
CA THR A 148 22.80 -7.29 5.00
C THR A 148 22.66 -7.09 6.50
N ALA A 149 21.52 -6.56 6.95
CA ALA A 149 21.33 -6.29 8.37
C ALA A 149 21.26 -7.57 9.19
N MET A 150 20.83 -8.67 8.58
CA MET A 150 20.80 -9.93 9.30
C MET A 150 22.15 -10.64 9.26
N MET A 151 22.91 -10.49 8.17
CA MET A 151 24.19 -11.18 8.07
C MET A 151 25.31 -10.48 8.82
N LEU A 152 25.23 -9.15 8.98
CA LEU A 152 26.32 -8.44 9.63
C LEU A 152 26.55 -8.85 11.08
N PRO A 153 25.53 -8.98 11.95
CA PRO A 153 25.81 -9.42 13.32
C PRO A 153 26.44 -10.79 13.41
N ILE A 154 26.07 -11.72 12.52
CA ILE A 154 26.68 -13.04 12.52
C ILE A 154 28.16 -12.94 12.16
N ALA A 155 28.49 -12.12 11.17
CA ALA A 155 29.89 -11.91 10.80
C ALA A 155 30.66 -11.28 11.95
N ASN A 156 30.06 -10.31 12.63
CA ASN A 156 30.72 -9.69 13.77
C ASN A 156 30.99 -10.70 14.88
N ALA A 157 30.01 -11.55 15.19
CA ALA A 157 30.19 -12.55 16.23
C ALA A 157 31.28 -13.55 15.85
N ILE A 158 31.29 -14.01 14.60
CA ILE A 158 32.30 -14.96 14.16
C ILE A 158 33.68 -14.33 14.21
N LEU A 159 33.79 -13.06 13.79
CA LEU A 159 35.08 -12.38 13.82
C LEU A 159 35.56 -12.18 15.24
N LYS A 160 34.66 -11.85 16.17
CA LYS A 160 35.05 -11.74 17.57
C LYS A 160 35.55 -13.08 18.10
N SER A 161 34.86 -14.17 17.75
CA SER A 161 35.29 -15.49 18.20
C SER A 161 36.66 -15.86 17.64
N LEU A 162 36.88 -15.56 16.35
CA LEU A 162 38.13 -15.95 15.70
C LEU A 162 39.33 -15.26 16.34
N PHE A 163 39.19 -13.98 16.66
CA PHE A 163 40.30 -13.17 17.15
C PHE A 163 40.28 -12.99 18.66
N GLY A 164 39.44 -13.73 19.36
CA GLY A 164 39.36 -13.62 20.82
C GLY A 164 40.59 -14.18 21.52
N ASP A 219 53.82 -10.84 16.14
CA ASP A 219 52.52 -10.23 16.41
C ASP A 219 52.61 -8.72 16.12
N SER A 220 51.95 -7.92 16.96
CA SER A 220 52.00 -6.46 16.91
C SER A 220 51.51 -6.01 15.53
N ARG A 221 52.32 -5.34 14.72
CA ARG A 221 51.83 -4.68 13.52
C ARG A 221 51.30 -5.69 12.50
N LYS A 222 52.06 -6.76 12.24
CA LYS A 222 51.65 -7.72 11.22
C LYS A 222 50.32 -8.35 11.58
N GLU A 223 50.19 -8.88 12.80
CA GLU A 223 48.96 -9.54 13.21
C GLU A 223 47.80 -8.55 13.27
N ASP A 224 48.02 -7.35 13.78
CA ASP A 224 46.89 -6.43 13.92
C ASP A 224 46.41 -5.93 12.56
N GLU A 225 47.32 -5.69 11.62
CA GLU A 225 46.91 -5.29 10.28
C GLU A 225 46.22 -6.43 9.54
N TYR A 226 46.68 -7.67 9.75
CA TYR A 226 45.99 -8.81 9.17
C TYR A 226 44.58 -8.93 9.70
N ARG A 227 44.42 -8.79 11.02
CA ARG A 227 43.09 -8.81 11.61
C ARG A 227 42.22 -7.71 11.02
N ARG A 228 42.74 -6.49 10.94
CA ARG A 228 41.97 -5.36 10.45
C ARG A 228 41.52 -5.57 9.01
N ASN A 229 42.42 -6.08 8.16
CA ASN A 229 42.06 -6.36 6.79
C ASN A 229 41.00 -7.45 6.71
N ILE A 230 41.07 -8.45 7.59
CA ILE A 230 40.02 -9.48 7.64
C ILE A 230 38.68 -8.85 8.04
N TRP A 231 38.69 -7.98 9.05
CA TRP A 231 37.47 -7.30 9.47
C TRP A 231 36.84 -6.58 8.30
N LYS A 232 37.65 -5.78 7.60
CA LYS A 232 37.14 -5.00 6.48
C LYS A 232 36.63 -5.90 5.36
N GLY A 233 37.35 -6.99 5.08
CA GLY A 233 36.90 -7.90 4.02
C GLY A 233 35.55 -8.51 4.33
N PHE A 234 35.37 -9.00 5.56
CA PHE A 234 34.06 -9.53 5.93
C PHE A 234 32.98 -8.47 5.87
N LEU A 235 33.25 -7.27 6.38
CA LEU A 235 32.20 -6.25 6.45
C LEU A 235 31.86 -5.70 5.07
N ILE A 236 32.78 -5.81 4.11
CA ILE A 236 32.48 -5.34 2.76
C ILE A 236 31.95 -6.44 1.84
N SER A 237 32.18 -7.71 2.17
CA SER A 237 31.71 -8.79 1.30
C SER A 237 30.20 -8.97 1.39
N ILE A 238 29.59 -8.59 2.51
CA ILE A 238 28.17 -8.84 2.74
C ILE A 238 27.29 -7.91 1.89
N PRO A 239 27.42 -6.58 1.96
CA PRO A 239 26.56 -5.74 1.11
C PRO A 239 26.80 -5.93 -0.37
N TYR A 240 28.07 -6.17 -0.76
CA TYR A 240 28.36 -6.44 -2.16
C TYR A 240 27.63 -7.69 -2.63
N SER A 241 27.68 -8.76 -1.83
CA SER A 241 26.99 -9.98 -2.22
C SER A 241 25.48 -9.83 -2.17
N ALA A 242 24.95 -8.99 -1.27
CA ALA A 242 23.52 -8.73 -1.27
C ALA A 242 23.09 -8.04 -2.56
N SER A 243 23.84 -7.01 -2.97
CA SER A 243 23.54 -6.34 -4.24
C SER A 243 23.71 -7.30 -5.41
N ILE A 244 24.67 -8.21 -5.32
CA ILE A 244 24.89 -9.20 -6.38
C ILE A 244 23.70 -10.13 -6.49
N GLY A 245 23.24 -10.66 -5.36
CA GLY A 245 22.16 -11.63 -5.37
C GLY A 245 20.82 -11.02 -5.70
N GLY A 246 20.63 -9.73 -5.37
CA GLY A 246 19.36 -9.09 -5.68
C GLY A 246 19.04 -9.07 -7.17
N THR A 247 20.06 -9.10 -8.01
CA THR A 247 19.85 -9.06 -9.45
C THR A 247 19.49 -10.42 -10.05
N ALA A 248 19.67 -11.51 -9.31
CA ALA A 248 19.49 -12.84 -9.89
C ALA A 248 18.02 -13.17 -10.12
N THR A 249 17.13 -12.67 -9.28
CA THR A 249 15.70 -12.91 -9.41
C THR A 249 14.97 -11.61 -9.70
N LEU A 250 13.81 -11.72 -10.36
CA LEU A 250 13.00 -10.55 -10.66
C LEU A 250 12.53 -9.86 -9.39
N THR A 251 12.12 -10.63 -8.39
CA THR A 251 11.69 -10.09 -7.12
C THR A 251 12.86 -9.81 -6.17
N GLY A 252 14.09 -10.15 -6.58
CA GLY A 252 15.22 -9.90 -5.72
C GLY A 252 15.47 -8.42 -5.46
N THR A 253 15.32 -7.60 -6.49
CA THR A 253 15.52 -6.17 -6.36
C THR A 253 14.47 -5.42 -7.18
N ALA A 254 14.11 -4.24 -6.70
CA ALA A 254 13.08 -3.43 -7.36
C ALA A 254 13.41 -3.06 -8.80
N PRO A 255 14.65 -2.70 -9.17
CA PRO A 255 14.90 -2.31 -10.57
C PRO A 255 14.50 -3.34 -11.61
N ASN A 256 14.57 -4.64 -11.29
CA ASN A 256 14.12 -5.64 -12.25
C ASN A 256 12.63 -5.50 -12.54
N LEU A 257 11.84 -5.25 -11.49
CA LEU A 257 10.41 -5.06 -11.68
C LEU A 257 10.11 -3.72 -12.33
N ILE A 258 10.97 -2.72 -12.11
CA ILE A 258 10.88 -1.48 -12.89
C ILE A 258 11.08 -1.78 -14.37
N LEU A 259 12.04 -2.66 -14.68
CA LEU A 259 12.25 -3.06 -16.07
C LEU A 259 11.00 -3.71 -16.64
N LEU A 260 10.38 -4.63 -15.87
CA LEU A 260 9.16 -5.26 -16.35
C LEU A 260 8.05 -4.25 -16.61
N GLY A 261 7.80 -3.35 -15.66
CA GLY A 261 6.71 -2.39 -15.83
C GLY A 261 6.95 -1.42 -16.96
N GLN A 262 8.17 -0.90 -17.07
CA GLN A 262 8.47 0.02 -18.17
C GLN A 262 8.49 -0.70 -19.50
N LEU A 263 8.79 -2.00 -19.51
CA LEU A 263 8.61 -2.79 -20.73
C LEU A 263 7.14 -2.88 -21.09
N LYS A 264 6.28 -3.14 -20.11
CA LYS A 264 4.84 -3.18 -20.36
C LYS A 264 4.34 -1.85 -20.93
N SER A 265 4.91 -0.74 -20.46
CA SER A 265 4.52 0.57 -20.99
C SER A 265 5.05 0.82 -22.40
N PHE A 266 6.38 0.68 -22.58
CA PHE A 266 6.98 1.04 -23.87
C PHE A 266 6.72 -0.02 -24.93
N PHE A 267 6.79 -1.30 -24.57
CA PHE A 267 6.64 -2.40 -25.51
C PHE A 267 5.57 -3.35 -24.98
N PRO A 268 4.29 -3.04 -25.22
CA PRO A 268 3.22 -3.87 -24.67
C PRO A 268 3.24 -5.31 -25.14
N GLN A 269 3.72 -5.58 -26.36
CA GLN A 269 3.72 -6.94 -26.89
C GLN A 269 4.93 -7.75 -26.46
N CYS A 270 5.85 -7.16 -25.71
CA CYS A 270 7.01 -7.90 -25.22
C CYS A 270 6.62 -8.71 -23.99
N ASP A 271 6.85 -10.03 -24.06
CA ASP A 271 6.50 -10.92 -22.96
C ASP A 271 7.57 -11.98 -22.72
N VAL A 272 8.76 -11.84 -23.29
CA VAL A 272 9.78 -12.87 -23.17
C VAL A 272 10.50 -12.81 -21.84
N VAL A 273 10.45 -11.67 -21.14
CA VAL A 273 11.09 -11.55 -19.83
C VAL A 273 10.07 -11.90 -18.76
N ASN A 274 10.34 -12.97 -18.02
CA ASN A 274 9.54 -13.37 -16.87
C ASN A 274 10.48 -13.90 -15.81
N PHE A 275 9.91 -14.54 -14.78
CA PHE A 275 10.72 -15.01 -13.67
C PHE A 275 11.72 -16.07 -14.12
N GLY A 276 11.26 -17.05 -14.90
CA GLY A 276 12.13 -18.14 -15.30
C GLY A 276 13.24 -17.69 -16.24
N SER A 277 12.89 -16.89 -17.25
CA SER A 277 13.90 -16.42 -18.21
C SER A 277 14.90 -15.48 -17.54
N TRP A 278 14.41 -14.57 -16.70
CA TRP A 278 15.32 -13.70 -15.98
C TRP A 278 16.24 -14.49 -15.07
N PHE A 279 15.72 -15.52 -14.41
CA PHE A 279 16.56 -16.34 -13.54
C PHE A 279 17.63 -17.06 -14.35
N ILE A 280 17.24 -17.73 -15.44
CA ILE A 280 18.23 -18.49 -16.20
C ILE A 280 19.26 -17.56 -16.83
N PHE A 281 18.91 -16.28 -17.05
CA PHE A 281 19.92 -15.35 -17.56
C PHE A 281 20.84 -14.86 -16.45
N ALA A 282 20.26 -14.41 -15.33
CA ALA A 282 21.00 -13.65 -14.33
C ALA A 282 21.71 -14.53 -13.30
N PHE A 283 21.18 -15.72 -12.99
CA PHE A 283 21.80 -16.55 -11.97
C PHE A 283 23.22 -16.98 -12.35
N PRO A 284 23.50 -17.48 -13.56
CA PRO A 284 24.92 -17.74 -13.90
C PRO A 284 25.78 -16.48 -13.87
N LEU A 285 25.25 -15.36 -14.34
CA LEU A 285 25.97 -14.09 -14.24
C LEU A 285 26.18 -13.71 -12.79
N MET A 286 25.17 -13.91 -11.95
CA MET A 286 25.31 -13.64 -10.53
C MET A 286 26.41 -14.50 -9.91
N LEU A 287 26.46 -15.78 -10.27
CA LEU A 287 27.46 -16.67 -9.72
C LEU A 287 28.87 -16.28 -10.18
N LEU A 288 29.01 -15.95 -11.46
CA LEU A 288 30.32 -15.55 -11.97
C LEU A 288 30.81 -14.28 -11.28
N PHE A 289 29.93 -13.28 -11.14
CA PHE A 289 30.35 -12.04 -10.51
C PHE A 289 30.54 -12.21 -9.00
N LEU A 290 29.78 -13.08 -8.36
CA LEU A 290 30.01 -13.39 -6.95
C LEU A 290 31.36 -14.06 -6.76
N LEU A 291 31.74 -14.99 -7.62
CA LEU A 291 33.03 -15.63 -7.51
C LEU A 291 34.16 -14.64 -7.77
N ALA A 292 34.00 -13.77 -8.78
CA ALA A 292 35.02 -12.76 -9.05
C ALA A 292 35.16 -11.81 -7.86
N GLY A 293 34.04 -11.38 -7.27
CA GLY A 293 34.12 -10.52 -6.11
C GLY A 293 34.74 -11.20 -4.91
N TRP A 294 34.45 -12.50 -4.73
CA TRP A 294 35.06 -13.24 -3.63
C TRP A 294 36.57 -13.33 -3.81
N LEU A 295 37.02 -13.63 -5.03
CA LEU A 295 38.46 -13.68 -5.30
C LEU A 295 39.10 -12.31 -5.06
N TRP A 296 38.47 -11.25 -5.54
CA TRP A 296 39.02 -9.91 -5.40
C TRP A 296 39.10 -9.49 -3.93
N ILE A 297 38.05 -9.78 -3.16
CA ILE A 297 38.02 -9.38 -1.76
C ILE A 297 39.02 -10.22 -0.96
N SER A 298 39.13 -11.52 -1.25
CA SER A 298 40.10 -12.35 -0.55
C SER A 298 41.52 -11.91 -0.85
N PHE A 299 41.81 -11.58 -2.12
CA PHE A 299 43.15 -11.08 -2.46
C PHE A 299 43.42 -9.75 -1.79
N LEU A 300 42.44 -8.85 -1.78
CA LEU A 300 42.65 -7.53 -1.22
C LEU A 300 42.78 -7.56 0.30
N TYR A 301 41.99 -8.38 0.97
CA TYR A 301 41.91 -8.38 2.43
C TYR A 301 42.32 -9.70 3.06
N GLY A 302 41.83 -10.82 2.55
CA GLY A 302 42.07 -12.11 3.18
C GLY A 302 43.41 -12.74 2.89
N GLY A 303 44.26 -12.08 2.12
CA GLY A 303 45.56 -12.63 1.79
C GLY A 303 45.51 -13.88 0.93
N LEU A 304 44.66 -13.89 -0.09
CA LEU A 304 44.55 -15.02 -0.99
C LEU A 304 45.80 -15.17 -1.86
N ASN A 319 42.86 -23.23 17.02
CA ASN A 319 41.85 -23.04 18.05
C ASN A 319 40.83 -21.97 17.64
N ALA A 320 41.29 -20.99 16.86
CA ALA A 320 40.39 -19.95 16.38
C ALA A 320 39.31 -20.53 15.47
N GLU A 321 39.70 -21.43 14.56
CA GLU A 321 38.72 -22.07 13.69
C GLU A 321 37.72 -22.89 14.51
N ASP A 322 38.21 -23.60 15.53
CA ASP A 322 37.33 -24.35 16.41
C ASP A 322 36.37 -23.42 17.15
N ARG A 323 36.86 -22.27 17.60
CA ARG A 323 35.99 -21.31 18.29
C ARG A 323 34.90 -20.79 17.36
N ALA A 324 35.26 -20.46 16.12
CA ALA A 324 34.26 -19.98 15.16
C ALA A 324 33.24 -21.08 14.85
N ARG A 325 33.71 -22.32 14.66
CA ARG A 325 32.79 -23.44 14.45
C ARG A 325 31.83 -23.57 15.62
N ALA A 326 32.35 -23.47 16.84
CA ALA A 326 31.53 -23.61 18.04
C ALA A 326 30.50 -22.48 18.11
N VAL A 327 30.89 -21.27 17.75
CA VAL A 327 29.94 -20.15 17.81
C VAL A 327 28.82 -20.34 16.79
N ILE A 328 29.17 -20.77 15.57
CA ILE A 328 28.14 -20.98 14.55
C ILE A 328 27.19 -22.10 14.97
N ARG A 329 27.75 -23.22 15.45
CA ARG A 329 26.90 -24.32 15.92
C ARG A 329 26.05 -23.90 17.11
N GLU A 330 26.60 -23.06 17.99
CA GLU A 330 25.86 -22.61 19.16
C GLU A 330 24.69 -21.73 18.76
N GLU A 331 24.88 -20.85 17.78
CA GLU A 331 23.77 -20.00 17.36
C GLU A 331 22.72 -20.82 16.62
N TYR A 332 23.15 -21.81 15.83
CA TYR A 332 22.19 -22.71 15.22
C TYR A 332 21.38 -23.46 16.28
N GLN A 333 22.03 -23.91 17.35
CA GLN A 333 21.30 -24.55 18.44
C GLN A 333 20.35 -23.56 19.11
N ASN A 334 20.78 -22.31 19.27
CA ASN A 334 19.92 -21.29 19.83
C ASN A 334 18.72 -20.99 18.95
N LEU A 335 18.79 -21.33 17.66
CA LEU A 335 17.61 -21.23 16.81
C LEU A 335 16.49 -22.15 17.31
N GLY A 336 16.85 -23.24 17.99
CA GLY A 336 15.87 -24.17 18.48
C GLY A 336 15.53 -25.24 17.47
N PRO A 337 14.69 -26.20 17.86
CA PRO A 337 14.28 -27.25 16.93
C PRO A 337 13.46 -26.69 15.77
N ILE A 338 13.53 -27.37 14.63
CA ILE A 338 12.75 -26.97 13.47
C ILE A 338 11.27 -27.13 13.78
N LYS A 339 10.50 -26.10 13.51
CA LYS A 339 9.07 -26.09 13.78
C LYS A 339 8.26 -26.50 12.55
N PHE A 340 7.02 -26.90 12.80
CA PHE A 340 6.09 -27.19 11.70
C PHE A 340 5.84 -25.96 10.85
N ALA A 341 5.74 -24.78 11.47
CA ALA A 341 5.52 -23.56 10.72
C ALA A 341 6.70 -23.27 9.79
N GLU A 342 7.92 -23.48 10.27
CA GLU A 342 9.09 -23.29 9.41
C GLU A 342 9.07 -24.25 8.22
N GLN A 343 8.73 -25.52 8.47
CA GLN A 343 8.64 -26.48 7.37
C GLN A 343 7.57 -26.08 6.36
N ALA A 344 6.41 -25.64 6.84
CA ALA A 344 5.34 -25.24 5.95
C ALA A 344 5.74 -24.02 5.12
N VAL A 345 6.41 -23.05 5.75
CA VAL A 345 6.86 -21.87 5.04
C VAL A 345 7.91 -22.24 3.99
N PHE A 346 8.79 -23.17 4.34
CA PHE A 346 9.80 -23.63 3.37
C PHE A 346 9.15 -24.34 2.18
N ILE A 347 8.14 -25.18 2.45
CA ILE A 347 7.43 -25.86 1.38
C ILE A 347 6.74 -24.84 0.48
N LEU A 348 6.10 -23.85 1.09
CA LEU A 348 5.41 -22.82 0.31
C LEU A 348 6.40 -21.98 -0.49
N PHE A 349 7.59 -21.70 0.07
CA PHE A 349 8.61 -20.99 -0.68
C PHE A 349 9.11 -21.80 -1.87
N CYS A 350 9.30 -23.10 -1.67
CA CYS A 350 9.71 -23.95 -2.78
C CYS A 350 8.63 -23.99 -3.87
N MET A 351 7.36 -24.09 -3.47
CA MET A 351 6.27 -24.04 -4.44
C MET A 351 6.24 -22.70 -5.17
N PHE A 352 6.42 -21.61 -4.42
CA PHE A 352 6.46 -20.28 -5.01
C PHE A 352 7.54 -20.19 -6.08
N ALA A 353 8.76 -20.56 -5.74
CA ALA A 353 9.88 -20.47 -6.68
C ALA A 353 9.69 -21.39 -7.87
N ILE A 354 9.24 -22.63 -7.64
CA ILE A 354 9.13 -23.60 -8.72
C ILE A 354 8.01 -23.21 -9.67
N LEU A 355 6.86 -22.80 -9.14
CA LEU A 355 5.75 -22.41 -10.01
C LEU A 355 6.05 -21.10 -10.74
N LEU A 356 6.79 -20.19 -10.12
CA LEU A 356 7.23 -19.00 -10.86
C LEU A 356 8.18 -19.38 -11.98
N PHE A 357 9.11 -20.30 -11.72
CA PHE A 357 10.10 -20.68 -12.72
C PHE A 357 9.47 -21.48 -13.85
N THR A 358 8.58 -22.42 -13.55
CA THR A 358 8.06 -23.36 -14.53
C THR A 358 6.76 -22.90 -15.17
N ARG A 359 6.28 -21.70 -14.87
CA ARG A 359 5.04 -21.23 -15.50
C ARG A 359 5.21 -21.06 -16.99
N ASP A 360 6.30 -20.43 -17.42
CA ASP A 360 6.58 -20.21 -18.84
C ASP A 360 8.05 -19.90 -19.05
N PRO A 361 8.94 -20.87 -18.88
CA PRO A 361 10.38 -20.60 -18.99
C PRO A 361 10.85 -20.31 -20.40
N LYS A 362 9.96 -20.33 -21.39
CA LYS A 362 10.19 -19.99 -22.80
C LYS A 362 10.99 -21.03 -23.57
N PHE A 363 11.48 -22.09 -22.92
CA PHE A 363 12.10 -23.18 -23.66
C PHE A 363 11.70 -24.56 -23.16
N ILE A 364 10.86 -24.65 -22.13
CA ILE A 364 10.04 -25.83 -21.87
C ILE A 364 8.60 -25.35 -21.81
N PRO A 365 7.65 -26.07 -22.41
CA PRO A 365 6.24 -25.71 -22.22
C PRO A 365 5.85 -25.76 -20.75
N GLY A 366 5.38 -24.62 -20.23
CA GLY A 366 5.01 -24.50 -18.84
C GLY A 366 3.53 -24.80 -18.61
N TRP A 367 3.16 -24.79 -17.34
CA TRP A 367 1.78 -25.10 -16.96
C TRP A 367 0.81 -23.98 -17.32
N ALA A 368 1.31 -22.81 -17.72
CA ALA A 368 0.43 -21.74 -18.18
C ALA A 368 -0.22 -22.09 -19.51
N SER A 369 0.33 -23.04 -20.26
CA SER A 369 -0.28 -23.47 -21.52
C SER A 369 -1.59 -24.20 -21.29
N LEU A 370 -1.80 -24.75 -20.09
CA LEU A 370 -3.04 -25.46 -19.77
C LEU A 370 -4.23 -24.52 -19.59
N PHE A 371 -4.00 -23.21 -19.54
CA PHE A 371 -5.03 -22.23 -19.28
C PHE A 371 -5.17 -21.29 -20.48
N ASN A 372 -5.96 -20.25 -20.31
CA ASN A 372 -6.19 -19.28 -21.38
C ASN A 372 -4.92 -18.50 -21.66
N PRO A 373 -4.40 -18.49 -22.89
CA PRO A 373 -3.21 -17.71 -23.18
C PRO A 373 -3.45 -16.22 -22.95
N GLY A 374 -2.43 -15.54 -22.44
CA GLY A 374 -2.52 -14.11 -22.19
C GLY A 374 -3.32 -13.72 -20.97
N PHE A 375 -3.64 -14.66 -20.10
CA PHE A 375 -4.41 -14.37 -18.89
C PHE A 375 -3.59 -14.52 -17.62
N LEU A 376 -2.81 -15.60 -17.52
CA LEU A 376 -2.00 -15.83 -16.33
C LEU A 376 -0.71 -15.00 -16.39
N SER A 377 -0.10 -14.83 -15.22
CA SER A 377 1.15 -14.09 -15.10
C SER A 377 1.85 -14.53 -13.83
N ASP A 378 3.07 -14.04 -13.62
CA ASP A 378 3.79 -14.34 -12.39
C ASP A 378 3.10 -13.75 -11.18
N ALA A 379 2.41 -12.62 -11.35
CA ALA A 379 1.69 -12.01 -10.24
C ALA A 379 0.60 -12.93 -9.72
N VAL A 380 -0.14 -13.57 -10.62
CA VAL A 380 -1.21 -14.47 -10.21
C VAL A 380 -0.64 -15.63 -9.41
N THR A 381 0.45 -16.22 -9.89
CA THR A 381 1.09 -17.32 -9.19
C THR A 381 1.54 -16.88 -7.80
N GLY A 382 2.20 -15.71 -7.71
CA GLY A 382 2.69 -15.25 -6.43
C GLY A 382 1.57 -14.98 -5.44
N VAL A 383 0.51 -14.30 -5.90
CA VAL A 383 -0.60 -13.98 -5.02
C VAL A 383 -1.31 -15.26 -4.56
N ALA A 384 -1.48 -16.22 -5.48
CA ALA A 384 -2.12 -17.48 -5.13
C ALA A 384 -1.31 -18.24 -4.09
N ILE A 385 0.02 -18.24 -4.23
CA ILE A 385 0.85 -18.94 -3.26
C ILE A 385 0.82 -18.25 -1.91
N VAL A 386 0.94 -16.92 -1.90
CA VAL A 386 1.02 -16.21 -0.62
C VAL A 386 -0.34 -16.12 0.06
N THR A 387 -1.44 -16.36 -0.66
CA THR A 387 -2.74 -16.44 -0.02
C THR A 387 -2.82 -17.63 0.93
N ILE A 388 -2.10 -18.71 0.63
CA ILE A 388 -2.09 -19.89 1.50
C ILE A 388 -1.48 -19.55 2.85
N LEU A 389 -0.50 -18.64 2.88
CA LEU A 389 0.15 -18.27 4.13
C LEU A 389 -0.83 -17.69 5.14
N PHE A 390 -1.90 -17.07 4.66
CA PHE A 390 -2.84 -16.37 5.54
C PHE A 390 -3.93 -17.26 6.11
N PHE A 391 -3.97 -18.55 5.74
CA PHE A 391 -4.88 -19.48 6.38
C PHE A 391 -4.25 -20.81 6.77
N PHE A 392 -3.06 -21.13 6.29
CA PHE A 392 -2.42 -22.39 6.66
C PHE A 392 -2.01 -22.34 8.13
N PRO A 393 -2.37 -23.33 8.94
CA PRO A 393 -2.03 -23.28 10.36
C PRO A 393 -0.53 -23.36 10.59
N SER A 394 -0.07 -22.69 11.64
CA SER A 394 1.33 -22.71 12.01
C SER A 394 1.69 -23.85 12.94
N GLN A 395 0.70 -24.43 13.63
CA GLN A 395 0.90 -25.62 14.44
C GLN A 395 0.40 -26.84 13.65
N ARG A 396 1.08 -27.96 13.83
CA ARG A 396 0.75 -29.14 13.06
C ARG A 396 -0.63 -29.67 13.42
N PRO A 397 -1.54 -29.82 12.46
CA PRO A 397 -2.87 -30.36 12.77
C PRO A 397 -2.79 -31.82 13.17
N SER A 398 -3.72 -32.23 14.03
CA SER A 398 -3.82 -33.61 14.47
C SER A 398 -5.28 -34.04 14.41
N LEU A 399 -5.51 -35.24 13.87
CA LEU A 399 -6.85 -35.79 13.83
C LEU A 399 -7.34 -36.21 15.22
N LYS A 400 -6.43 -36.47 16.16
CA LYS A 400 -6.84 -36.82 17.51
C LYS A 400 -7.54 -35.68 18.22
N TRP A 401 -7.32 -34.43 17.79
CA TRP A 401 -7.98 -33.30 18.44
C TRP A 401 -9.50 -33.36 18.26
N TRP A 402 -9.97 -33.82 17.11
CA TRP A 402 -11.41 -33.93 16.89
C TRP A 402 -12.05 -34.91 17.87
N PHE A 403 -11.40 -36.06 18.11
CA PHE A 403 -11.94 -37.06 19.00
C PHE A 403 -11.77 -36.69 20.46
N ASP A 404 -10.70 -35.99 20.81
CA ASP A 404 -10.42 -35.62 22.20
C ASP A 404 -11.32 -34.45 22.56
N PHE A 405 -12.44 -34.74 23.23
CA PHE A 405 -13.37 -33.70 23.61
C PHE A 405 -12.88 -32.86 24.77
N LYS A 406 -11.89 -33.35 25.52
CA LYS A 406 -11.33 -32.61 26.65
C LYS A 406 -10.19 -31.69 26.25
N ALA A 407 -9.73 -31.75 25.00
CA ALA A 407 -8.65 -30.90 24.55
C ALA A 407 -9.11 -29.45 24.44
N PRO A 408 -8.22 -28.48 24.66
CA PRO A 408 -8.60 -27.07 24.48
C PRO A 408 -8.93 -26.77 23.03
N ASN A 409 -9.81 -25.79 22.85
CA ASN A 409 -10.33 -25.41 21.53
C ASN A 409 -9.89 -24.01 21.14
N THR A 410 -8.64 -23.66 21.44
CA THR A 410 -8.10 -22.36 21.07
C THR A 410 -7.97 -22.26 19.56
N GLU A 411 -8.18 -21.05 19.02
CA GLU A 411 -8.05 -20.85 17.59
C GLU A 411 -6.60 -20.97 17.17
N THR A 412 -6.37 -21.58 16.01
CA THR A 412 -5.02 -21.83 15.57
C THR A 412 -4.37 -20.56 15.02
N GLU A 413 -3.07 -20.47 15.23
CA GLU A 413 -2.29 -19.38 14.66
C GLU A 413 -1.98 -19.69 13.21
N PRO A 414 -2.32 -18.82 12.26
CA PRO A 414 -1.93 -19.03 10.87
C PRO A 414 -0.45 -18.73 10.68
N LEU A 415 0.06 -19.13 9.50
CA LEU A 415 1.47 -18.91 9.20
C LEU A 415 1.82 -17.43 9.20
N LEU A 416 0.97 -16.61 8.59
CA LEU A 416 1.17 -15.17 8.55
C LEU A 416 -0.17 -14.46 8.73
N THR A 417 -0.23 -13.56 9.71
CA THR A 417 -1.37 -12.69 9.85
C THR A 417 -1.19 -11.45 8.98
N TRP A 418 -2.31 -10.82 8.63
CA TRP A 418 -2.21 -9.64 7.76
C TRP A 418 -1.56 -8.47 8.48
N LYS A 419 -1.71 -8.36 9.79
CA LYS A 419 -1.10 -7.25 10.52
C LYS A 419 0.41 -7.28 10.40
N LYS A 420 1.02 -8.46 10.58
CA LYS A 420 2.46 -8.59 10.47
C LYS A 420 2.93 -8.28 9.05
N ALA A 421 2.22 -8.79 8.05
CA ALA A 421 2.59 -8.50 6.67
C ALA A 421 2.51 -7.01 6.39
N GLN A 422 1.43 -6.36 6.82
CA GLN A 422 1.27 -4.93 6.57
C GLN A 422 2.37 -4.12 7.24
N GLU A 423 2.74 -4.49 8.47
CA GLU A 423 3.80 -3.76 9.13
C GLU A 423 5.19 -4.15 8.65
N THR A 424 5.31 -5.20 7.82
CA THR A 424 6.61 -5.57 7.27
C THR A 424 6.74 -5.35 5.77
N VAL A 425 5.65 -5.17 5.03
CA VAL A 425 5.75 -4.87 3.60
C VAL A 425 6.21 -3.42 3.41
N PRO A 426 7.24 -3.18 2.60
CA PRO A 426 7.65 -1.80 2.32
C PRO A 426 6.77 -1.12 1.28
N TRP A 427 5.65 -0.55 1.73
CA TRP A 427 4.73 0.12 0.81
C TRP A 427 5.38 1.30 0.10
N ASN A 428 6.44 1.88 0.68
CA ASN A 428 7.16 2.95 0.01
C ASN A 428 7.78 2.48 -1.29
N ILE A 429 8.38 1.29 -1.30
CA ILE A 429 8.97 0.77 -2.52
C ILE A 429 7.90 0.43 -3.54
N ILE A 430 6.75 -0.07 -3.08
CA ILE A 430 5.65 -0.37 -3.99
C ILE A 430 5.17 0.91 -4.68
N LEU A 431 5.01 1.98 -3.89
CA LEU A 431 4.63 3.26 -4.47
C LEU A 431 5.72 3.81 -5.39
N LEU A 432 6.99 3.56 -5.07
CA LEU A 432 8.08 4.00 -5.95
C LEU A 432 8.03 3.28 -7.29
N LEU A 433 7.78 1.97 -7.27
CA LEU A 433 7.61 1.22 -8.52
C LEU A 433 6.41 1.75 -9.30
N GLY A 434 5.33 2.06 -8.60
CA GLY A 434 4.16 2.63 -9.26
C GLY A 434 4.45 3.98 -9.90
N GLY A 435 5.20 4.83 -9.20
CA GLY A 435 5.58 6.10 -9.77
C GLY A 435 6.46 5.95 -10.99
N GLY A 436 7.37 4.98 -10.96
CA GLY A 436 8.16 4.70 -12.16
C GLY A 436 7.31 4.24 -13.33
N PHE A 437 6.36 3.35 -13.08
CA PHE A 437 5.47 2.90 -14.14
C PHE A 437 4.65 4.05 -14.70
N ALA A 438 4.12 4.91 -13.83
CA ALA A 438 3.35 6.06 -14.27
C ALA A 438 4.20 7.03 -15.07
N MET A 439 5.45 7.24 -14.65
CA MET A 439 6.31 8.13 -15.40
C MET A 439 6.62 7.57 -16.78
N ALA A 440 6.84 6.25 -16.88
CA ALA A 440 7.04 5.64 -18.18
C ALA A 440 5.80 5.79 -19.06
N LYS A 441 4.62 5.60 -18.48
CA LYS A 441 3.38 5.77 -19.25
C LYS A 441 3.24 7.22 -19.74
N GLY A 442 3.53 8.19 -18.89
CA GLY A 442 3.46 9.58 -19.30
C GLY A 442 4.48 9.92 -20.37
N CYS A 443 5.70 9.38 -20.24
CA CYS A 443 6.72 9.61 -21.25
C CYS A 443 6.32 9.03 -22.59
N GLU A 444 5.70 7.86 -22.60
CA GLU A 444 5.23 7.27 -23.85
C GLU A 444 4.06 8.07 -24.45
N GLU A 445 3.10 8.46 -23.61
CA GLU A 445 1.88 9.08 -24.12
C GLU A 445 2.14 10.51 -24.58
N SER A 446 3.01 11.24 -23.88
CA SER A 446 3.29 12.62 -24.23
C SER A 446 4.08 12.77 -25.51
N GLY A 447 4.62 11.69 -26.06
CA GLY A 447 5.50 11.77 -27.20
C GLY A 447 6.93 12.13 -26.85
N LEU A 448 7.28 12.18 -25.57
CA LEU A 448 8.64 12.52 -25.18
C LEU A 448 9.64 11.45 -25.64
N SER A 449 9.21 10.19 -25.68
CA SER A 449 10.08 9.13 -26.17
C SER A 449 10.47 9.37 -27.63
N VAL A 450 9.51 9.79 -28.46
CA VAL A 450 9.80 10.09 -29.85
C VAL A 450 10.80 11.23 -29.95
N TRP A 451 10.63 12.26 -29.13
CA TRP A 451 11.54 13.40 -29.16
C TRP A 451 12.95 12.98 -28.74
N ILE A 452 13.06 12.15 -27.70
CA ILE A 452 14.37 11.67 -27.26
C ILE A 452 15.02 10.83 -28.34
N GLY A 453 14.24 9.96 -29.00
CA GLY A 453 14.79 9.19 -30.11
C GLY A 453 15.26 10.07 -31.24
N GLY A 454 14.53 11.15 -31.51
CA GLY A 454 14.97 12.10 -32.52
C GLY A 454 16.27 12.80 -32.15
N GLN A 455 16.41 13.16 -30.87
CA GLN A 455 17.63 13.82 -30.40
C GLN A 455 18.81 12.87 -30.25
N LEU A 456 18.57 11.56 -30.22
CA LEU A 456 19.64 10.58 -30.05
C LEU A 456 20.34 10.21 -31.36
N HIS A 457 20.21 11.07 -32.38
CA HIS A 457 20.77 10.79 -33.70
C HIS A 457 22.29 10.74 -33.79
N PRO A 458 23.06 11.47 -32.96
CA PRO A 458 24.53 11.34 -33.06
C PRO A 458 25.06 9.97 -32.67
N LEU A 459 24.27 9.16 -31.95
CA LEU A 459 24.74 7.88 -31.44
C LEU A 459 24.30 6.68 -32.28
N GLU A 460 23.78 6.92 -33.49
CA GLU A 460 23.31 5.83 -34.32
C GLU A 460 24.44 5.02 -34.95
N ASN A 461 25.67 5.54 -34.94
CA ASN A 461 26.81 4.85 -35.53
C ASN A 461 27.60 4.04 -34.53
N VAL A 462 27.20 4.05 -33.27
CA VAL A 462 27.92 3.28 -32.24
C VAL A 462 27.62 1.80 -32.41
N PRO A 463 28.62 0.92 -32.43
CA PRO A 463 28.36 -0.51 -32.47
C PRO A 463 27.56 -0.97 -31.27
N PRO A 464 26.65 -1.94 -31.43
CA PRO A 464 25.77 -2.33 -30.32
C PRO A 464 26.50 -2.81 -29.08
N ALA A 465 27.59 -3.57 -29.24
CA ALA A 465 28.34 -4.03 -28.07
C ALA A 465 29.00 -2.86 -27.35
N LEU A 466 29.60 -1.94 -28.11
CA LEU A 466 30.17 -0.74 -27.50
C LEU A 466 29.09 0.10 -26.84
N ALA A 467 27.90 0.16 -27.45
CA ALA A 467 26.79 0.88 -26.83
C ALA A 467 26.40 0.25 -25.50
N VAL A 468 26.34 -1.07 -25.44
CA VAL A 468 26.04 -1.76 -24.19
C VAL A 468 27.09 -1.42 -23.14
N LEU A 469 28.37 -1.48 -23.54
CA LEU A 469 29.45 -1.18 -22.60
C LEU A 469 29.34 0.24 -22.06
N LEU A 470 29.08 1.20 -22.96
CA LEU A 470 29.02 2.60 -22.55
C LEU A 470 27.83 2.89 -21.65
N ILE A 471 26.64 2.36 -22.01
CA ILE A 471 25.47 2.62 -21.16
C ILE A 471 25.64 1.94 -19.81
N THR A 472 26.25 0.75 -19.78
CA THR A 472 26.50 0.09 -18.51
C THR A 472 27.46 0.89 -17.65
N VAL A 473 28.53 1.43 -18.24
CA VAL A 473 29.48 2.24 -17.49
C VAL A 473 28.79 3.49 -16.94
N VAL A 474 28.00 4.16 -17.79
CA VAL A 474 27.33 5.39 -17.37
C VAL A 474 26.36 5.11 -16.23
N ILE A 475 25.58 4.04 -16.35
CA ILE A 475 24.58 3.74 -15.33
C ILE A 475 25.24 3.28 -14.03
N ALA A 476 26.32 2.50 -14.14
CA ALA A 476 27.05 2.09 -12.94
C ALA A 476 27.70 3.27 -12.24
N PHE A 477 28.14 4.29 -13.01
CA PHE A 477 28.66 5.50 -12.38
C PHE A 477 27.55 6.30 -11.71
N PHE A 478 26.41 6.43 -12.39
CA PHE A 478 25.31 7.22 -11.86
C PHE A 478 24.74 6.59 -10.58
N THR A 479 24.64 5.27 -10.54
CA THR A 479 24.03 4.61 -9.38
C THR A 479 24.90 4.71 -8.14
N GLU A 480 26.16 5.15 -8.25
CA GLU A 480 26.99 5.34 -7.07
C GLU A 480 26.51 6.50 -6.21
N PHE A 481 25.71 7.42 -6.76
CA PHE A 481 25.25 8.59 -6.03
C PHE A 481 23.75 8.64 -5.83
N ALA A 482 22.97 7.84 -6.56
CA ALA A 482 21.52 7.82 -6.43
C ALA A 482 21.05 6.40 -6.19
N SER A 483 19.81 6.26 -5.75
CA SER A 483 19.24 4.94 -5.51
C SER A 483 19.10 4.19 -6.83
N ASN A 484 19.21 2.85 -6.74
CA ASN A 484 19.16 2.02 -7.93
C ASN A 484 17.83 2.16 -8.65
N THR A 485 16.72 2.14 -7.91
CA THR A 485 15.41 2.21 -8.52
C THR A 485 15.20 3.52 -9.26
N ALA A 486 15.57 4.64 -8.63
CA ALA A 486 15.42 5.93 -9.29
C ALA A 486 16.30 6.01 -10.53
N THR A 487 17.53 5.49 -10.44
CA THR A 487 18.44 5.51 -11.57
C THR A 487 17.86 4.75 -12.76
N ILE A 488 17.38 3.52 -12.52
CA ILE A 488 16.84 2.74 -13.63
C ILE A 488 15.55 3.37 -14.15
N ILE A 489 14.72 3.93 -13.26
CA ILE A 489 13.51 4.60 -13.71
C ILE A 489 13.84 5.74 -14.66
N ILE A 490 14.84 6.54 -14.31
CA ILE A 490 15.19 7.69 -15.14
C ILE A 490 15.81 7.24 -16.46
N PHE A 491 16.69 6.24 -16.42
CA PHE A 491 17.48 5.91 -17.60
C PHE A 491 16.81 4.91 -18.54
N LEU A 492 15.79 4.18 -18.10
CA LEU A 492 15.23 3.12 -18.94
C LEU A 492 14.57 3.62 -20.21
N PRO A 493 13.74 4.68 -20.21
CA PRO A 493 13.20 5.17 -21.49
C PRO A 493 14.28 5.58 -22.47
N VAL A 494 15.35 6.18 -21.98
CA VAL A 494 16.47 6.54 -22.84
C VAL A 494 17.09 5.29 -23.44
N LEU A 495 17.24 4.23 -22.64
CA LEU A 495 17.80 2.98 -23.15
C LEU A 495 16.91 2.38 -24.23
N ALA A 496 15.59 2.39 -24.02
CA ALA A 496 14.68 1.85 -25.02
C ALA A 496 14.75 2.65 -26.32
N GLU A 497 14.77 3.97 -26.22
CA GLU A 497 14.85 4.78 -27.43
C GLU A 497 16.21 4.64 -28.12
N LEU A 498 17.28 4.43 -27.35
CA LEU A 498 18.59 4.19 -27.95
C LEU A 498 18.64 2.84 -28.64
N ALA A 499 17.93 1.85 -28.11
CA ALA A 499 17.81 0.57 -28.80
C ALA A 499 17.05 0.74 -30.10
N ILE A 500 16.00 1.57 -30.09
CA ILE A 500 15.30 1.90 -31.33
C ILE A 500 16.25 2.62 -32.29
N ARG A 501 17.15 3.44 -31.80
CA ARG A 501 18.01 4.14 -32.79
C ARG A 501 19.01 3.15 -33.40
N LEU A 502 19.46 2.09 -32.70
CA LEU A 502 20.47 1.20 -33.24
C LEU A 502 19.91 0.00 -33.99
N ARG A 503 18.59 -0.12 -34.07
CA ARG A 503 17.93 -1.26 -34.71
C ARG A 503 18.36 -2.58 -34.06
N VAL A 504 18.50 -2.57 -32.74
CA VAL A 504 18.82 -3.76 -31.97
C VAL A 504 17.63 -4.11 -31.08
N HIS A 505 17.68 -5.28 -30.49
CA HIS A 505 16.63 -5.70 -29.58
C HIS A 505 16.58 -4.75 -28.39
N PRO A 506 15.40 -4.24 -28.01
CA PRO A 506 15.33 -3.31 -26.87
C PRO A 506 15.90 -3.91 -25.59
N LEU A 507 15.70 -5.21 -25.38
CA LEU A 507 16.25 -5.85 -24.18
C LEU A 507 17.77 -5.80 -24.18
N TYR A 508 18.39 -5.87 -25.36
CA TYR A 508 19.85 -5.87 -25.44
C TYR A 508 20.46 -4.63 -24.80
N LEU A 509 19.71 -3.53 -24.72
CA LEU A 509 20.15 -2.35 -23.99
C LEU A 509 19.49 -2.19 -22.63
N MET A 510 18.22 -2.60 -22.51
CA MET A 510 17.48 -2.35 -21.28
C MET A 510 17.93 -3.27 -20.15
N ILE A 511 18.19 -4.55 -20.46
CA ILE A 511 18.65 -5.48 -19.43
C ILE A 511 20.01 -5.07 -18.86
N PRO A 512 21.03 -4.72 -19.67
CA PRO A 512 22.29 -4.27 -19.06
C PRO A 512 22.12 -3.06 -18.16
N GLY A 513 21.24 -2.11 -18.52
CA GLY A 513 21.01 -0.98 -17.65
C GLY A 513 20.38 -1.38 -16.33
N THR A 514 19.39 -2.29 -16.38
CA THR A 514 18.76 -2.75 -15.16
C THR A 514 19.75 -3.47 -14.26
N VAL A 515 20.63 -4.28 -14.84
CA VAL A 515 21.63 -4.98 -14.04
C VAL A 515 22.66 -4.00 -13.47
N GLY A 516 23.11 -3.06 -14.30
CA GLY A 516 24.16 -2.14 -13.90
C GLY A 516 23.74 -1.07 -12.92
N CYS A 517 22.44 -0.75 -12.86
CA CYS A 517 21.99 0.19 -11.84
C CYS A 517 22.11 -0.40 -10.43
N SER A 518 22.27 -1.72 -10.32
CA SER A 518 22.53 -2.37 -9.06
C SER A 518 24.03 -2.49 -8.77
N PHE A 519 24.89 -2.02 -9.67
CA PHE A 519 26.34 -2.05 -9.47
C PHE A 519 26.75 -0.85 -8.61
N ALA A 520 26.26 -0.85 -7.38
CA ALA A 520 26.49 0.22 -6.42
C ALA A 520 27.43 -0.30 -5.34
N PHE A 521 28.72 0.00 -5.48
CA PHE A 521 29.73 -0.58 -4.61
C PHE A 521 30.67 0.43 -3.96
N MET A 522 30.76 1.66 -4.45
CA MET A 522 31.86 2.54 -4.07
C MET A 522 31.55 3.46 -2.89
N LEU A 523 30.28 3.78 -2.65
CA LEU A 523 29.95 4.74 -1.62
C LEU A 523 28.88 4.21 -0.68
N PRO A 524 28.88 4.66 0.58
CA PRO A 524 27.78 4.28 1.49
C PRO A 524 26.43 4.75 1.00
N VAL A 525 26.37 5.89 0.31
CA VAL A 525 25.11 6.42 -0.20
C VAL A 525 24.63 5.68 -1.44
N SER A 526 25.48 4.85 -2.04
CA SER A 526 25.11 4.17 -3.28
C SER A 526 23.90 3.26 -3.08
N THR A 527 23.88 2.50 -1.99
CA THR A 527 22.79 1.58 -1.72
C THR A 527 22.68 1.41 -0.21
N PRO A 528 21.48 1.16 0.31
CA PRO A 528 21.30 1.07 1.78
C PRO A 528 22.17 -0.01 2.42
N PRO A 529 22.40 -1.17 1.77
CA PRO A 529 23.34 -2.13 2.37
C PRO A 529 24.72 -1.55 2.62
N ASN A 530 25.21 -0.69 1.72
CA ASN A 530 26.49 -0.03 1.95
C ASN A 530 26.44 0.86 3.19
N SER A 531 25.32 1.57 3.37
CA SER A 531 25.16 2.39 4.57
C SER A 531 25.16 1.54 5.83
N ILE A 532 24.49 0.38 5.78
CA ILE A 532 24.45 -0.51 6.94
C ILE A 532 25.85 -1.00 7.27
N ALA A 533 26.62 -1.38 6.25
CA ALA A 533 27.99 -1.82 6.50
C ALA A 533 28.84 -0.70 7.07
N PHE A 534 28.70 0.52 6.51
CA PHE A 534 29.45 1.66 7.02
C PHE A 534 29.08 1.99 8.46
N ALA A 535 27.84 1.69 8.86
CA ALA A 535 27.42 1.97 10.22
C ALA A 535 28.20 1.15 11.25
N SER A 536 28.87 0.09 10.82
CA SER A 536 29.73 -0.66 11.74
C SER A 536 30.87 0.21 12.25
N GLY A 537 31.32 1.17 11.45
CA GLY A 537 32.31 2.13 11.87
C GLY A 537 33.74 1.78 11.53
N HIS A 538 34.02 0.55 11.10
CA HIS A 538 35.38 0.12 10.84
C HIS A 538 35.67 -0.03 9.35
N LEU A 539 34.77 0.46 8.50
CA LEU A 539 35.01 0.53 7.06
C LEU A 539 35.24 1.98 6.69
N LEU A 540 36.32 2.23 5.94
CA LEU A 540 36.62 3.58 5.48
C LEU A 540 36.03 3.82 4.10
N VAL A 541 35.85 5.10 3.76
CA VAL A 541 35.34 5.46 2.45
C VAL A 541 36.32 5.04 1.36
N LYS A 542 37.62 5.24 1.60
CA LYS A 542 38.61 4.90 0.57
C LYS A 542 38.66 3.40 0.31
N ASP A 543 38.52 2.58 1.37
CA ASP A 543 38.52 1.14 1.19
C ASP A 543 37.36 0.70 0.32
N MET A 544 36.16 1.21 0.63
CA MET A 544 34.99 0.89 -0.17
C MET A 544 35.14 1.36 -1.60
N VAL A 545 35.72 2.56 -1.79
CA VAL A 545 35.90 3.10 -3.13
C VAL A 545 36.85 2.22 -3.95
N ARG A 546 37.99 1.85 -3.36
CA ARG A 546 38.98 1.08 -4.10
C ARG A 546 38.59 -0.37 -4.30
N THR A 547 37.71 -0.92 -3.46
CA THR A 547 37.14 -2.22 -3.77
C THR A 547 36.06 -2.12 -4.84
N GLY A 548 35.18 -1.12 -4.72
CA GLY A 548 34.07 -0.97 -5.64
C GLY A 548 34.47 -0.55 -7.04
N LEU A 549 35.63 0.09 -7.19
CA LEU A 549 36.08 0.43 -8.54
C LEU A 549 36.29 -0.84 -9.37
N LEU A 550 37.07 -1.78 -8.83
CA LEU A 550 37.27 -3.04 -9.53
C LEU A 550 36.01 -3.89 -9.54
N MET A 551 35.17 -3.79 -8.51
CA MET A 551 33.88 -4.48 -8.55
C MET A 551 33.04 -3.99 -9.73
N ASN A 552 32.99 -2.68 -9.93
CA ASN A 552 32.25 -2.10 -11.06
C ASN A 552 32.85 -2.54 -12.38
N LEU A 553 34.18 -2.53 -12.49
CA LEU A 553 34.81 -2.95 -13.74
C LEU A 553 34.48 -4.40 -14.07
N MET A 554 34.63 -5.29 -13.08
CA MET A 554 34.33 -6.70 -13.31
C MET A 554 32.85 -6.91 -13.62
N GLY A 555 31.98 -6.16 -12.95
CA GLY A 555 30.55 -6.27 -13.23
C GLY A 555 30.21 -5.84 -14.64
N VAL A 556 30.79 -4.74 -15.10
CA VAL A 556 30.53 -4.29 -16.47
C VAL A 556 31.04 -5.32 -17.47
N LEU A 557 32.25 -5.85 -17.25
CA LEU A 557 32.80 -6.83 -18.19
C LEU A 557 31.96 -8.11 -18.21
N LEU A 558 31.57 -8.62 -17.04
CA LEU A 558 30.76 -9.83 -16.98
C LEU A 558 29.37 -9.60 -17.55
N LEU A 559 28.80 -8.41 -17.35
CA LEU A 559 27.50 -8.10 -17.94
C LEU A 559 27.60 -8.07 -19.46
N SER A 560 28.67 -7.49 -20.00
CA SER A 560 28.85 -7.51 -21.45
C SER A 560 29.00 -8.94 -21.96
N LEU A 561 29.78 -9.76 -21.27
CA LEU A 561 29.93 -11.16 -21.67
C LEU A 561 28.60 -11.89 -21.66
N ALA A 562 27.82 -11.71 -20.59
CA ALA A 562 26.52 -12.38 -20.49
C ALA A 562 25.57 -11.90 -21.58
N MET A 563 25.55 -10.60 -21.84
CA MET A 563 24.61 -10.05 -22.80
C MET A 563 25.01 -10.38 -24.23
N ASN A 564 26.28 -10.69 -24.48
CA ASN A 564 26.71 -11.03 -25.83
C ASN A 564 26.90 -12.53 -26.04
N THR A 565 26.76 -13.37 -25.01
CA THR A 565 26.98 -14.79 -25.18
C THR A 565 25.71 -15.61 -24.99
N TRP A 566 25.04 -15.53 -23.84
CA TRP A 566 23.89 -16.38 -23.57
C TRP A 566 22.59 -15.64 -23.35
N ALA A 567 22.61 -14.32 -23.19
CA ALA A 567 21.37 -13.57 -23.21
C ALA A 567 20.75 -13.58 -24.59
N GLN A 568 21.57 -13.70 -25.64
CA GLN A 568 21.05 -13.75 -27.00
C GLN A 568 20.18 -14.99 -27.21
N THR A 569 20.59 -16.13 -26.64
CA THR A 569 19.78 -17.34 -26.80
C THR A 569 18.55 -17.29 -25.91
N ILE A 570 18.67 -16.76 -24.70
CA ILE A 570 17.56 -16.78 -23.75
C ILE A 570 16.46 -15.82 -24.19
N PHE A 571 16.82 -14.59 -24.54
CA PHE A 571 15.85 -13.57 -24.87
C PHE A 571 15.70 -13.36 -26.38
N GLN A 572 16.36 -14.20 -27.18
CA GLN A 572 16.29 -14.12 -28.65
C GLN A 572 16.67 -12.72 -29.14
N LEU A 573 17.84 -12.26 -28.69
CA LEU A 573 18.29 -10.90 -29.00
C LEU A 573 18.96 -10.77 -30.36
N GLY A 574 19.17 -11.89 -31.07
CA GLY A 574 19.90 -11.83 -32.33
C GLY A 574 19.19 -11.02 -33.39
N THR A 575 17.88 -11.17 -33.49
CA THR A 575 17.09 -10.46 -34.50
C THR A 575 16.29 -9.33 -33.86
N PHE A 576 16.00 -8.33 -34.67
CA PHE A 576 15.21 -7.19 -34.21
C PHE A 576 13.75 -7.58 -34.12
N PRO A 577 13.12 -7.47 -32.96
CA PRO A 577 11.73 -7.92 -32.82
C PRO A 577 10.77 -7.04 -33.60
N ASP A 578 9.66 -7.65 -34.03
CA ASP A 578 8.69 -6.92 -34.82
C ASP A 578 7.97 -5.86 -34.00
N TRP A 579 7.68 -6.16 -32.73
CA TRP A 579 6.96 -5.21 -31.88
C TRP A 579 7.78 -3.98 -31.54
N ALA A 580 9.10 -4.01 -31.77
CA ALA A 580 9.95 -2.86 -31.52
C ALA A 580 10.04 -1.91 -32.70
N ASP A 581 9.42 -2.25 -33.82
CA ASP A 581 9.46 -1.40 -35.02
C ASP A 581 8.24 -0.50 -35.09
N MET B 1 -26.30 -34.69 26.23
CA MET B 1 -26.54 -33.25 26.23
C MET B 1 -25.22 -32.49 26.10
N ALA B 2 -24.25 -32.86 26.94
CA ALA B 2 -22.95 -32.19 26.88
C ALA B 2 -22.21 -32.51 25.59
N ALA B 3 -22.49 -33.66 24.97
CA ALA B 3 -21.83 -34.03 23.73
C ALA B 3 -22.21 -33.08 22.59
N LEU B 4 -23.47 -32.65 22.56
CA LEU B 4 -23.90 -31.71 21.52
C LEU B 4 -23.15 -30.39 21.64
N ALA B 5 -23.04 -29.86 22.86
CA ALA B 5 -22.27 -28.64 23.07
C ALA B 5 -20.80 -28.86 22.76
N ALA B 6 -20.28 -30.05 23.04
CA ALA B 6 -18.89 -30.35 22.71
C ALA B 6 -18.66 -30.29 21.21
N ALA B 7 -19.54 -30.94 20.44
CA ALA B 7 -19.42 -30.89 18.98
C ALA B 7 -19.59 -29.47 18.47
N ALA B 8 -20.48 -28.70 19.12
CA ALA B 8 -20.67 -27.30 18.74
C ALA B 8 -19.40 -26.50 18.92
N LYS B 9 -18.73 -26.65 20.06
CA LYS B 9 -17.51 -25.87 20.26
C LYS B 9 -16.39 -26.37 19.36
N LYS B 10 -16.37 -27.67 19.05
CA LYS B 10 -15.39 -28.18 18.10
C LYS B 10 -15.57 -27.54 16.73
N VAL B 11 -16.82 -27.47 16.26
CA VAL B 11 -17.07 -26.87 14.95
C VAL B 11 -16.76 -25.37 14.98
N TRP B 12 -17.11 -24.70 16.08
CA TRP B 12 -16.85 -23.26 16.17
C TRP B 12 -15.37 -22.94 16.27
N SER B 13 -14.58 -23.83 16.85
CA SER B 13 -13.14 -23.59 16.97
C SER B 13 -12.47 -23.55 15.60
N ALA B 14 -12.88 -24.44 14.70
CA ALA B 14 -12.32 -24.52 13.36
C ALA B 14 -13.25 -23.93 12.30
N ARG B 15 -14.05 -22.92 12.66
CA ARG B 15 -15.01 -22.36 11.72
C ARG B 15 -14.32 -21.68 10.54
N ARG B 16 -13.15 -21.07 10.78
CA ARG B 16 -12.42 -20.41 9.70
C ARG B 16 -12.09 -21.40 8.58
N LEU B 17 -11.37 -22.47 8.91
CA LEU B 17 -10.96 -23.44 7.90
C LEU B 17 -12.16 -24.19 7.33
N LEU B 18 -13.14 -24.52 8.17
CA LEU B 18 -14.31 -25.22 7.68
C LEU B 18 -15.05 -24.40 6.64
N VAL B 19 -15.28 -23.11 6.92
CA VAL B 19 -15.93 -22.24 5.95
C VAL B 19 -15.07 -22.11 4.71
N LEU B 20 -13.76 -21.93 4.89
CA LEU B 20 -12.87 -21.71 3.76
C LEU B 20 -12.87 -22.89 2.81
N LEU B 21 -12.88 -24.12 3.34
CA LEU B 21 -12.82 -25.31 2.51
C LEU B 21 -14.19 -25.76 2.00
N PHE B 22 -15.28 -25.42 2.69
CA PHE B 22 -16.58 -25.90 2.25
C PHE B 22 -17.36 -24.90 1.42
N THR B 23 -17.00 -23.61 1.48
CA THR B 23 -17.68 -22.62 0.64
C THR B 23 -17.50 -22.89 -0.84
N PRO B 24 -16.30 -23.19 -1.36
CA PRO B 24 -16.21 -23.52 -2.79
C PRO B 24 -17.03 -24.73 -3.18
N LEU B 25 -17.06 -25.76 -2.33
CA LEU B 25 -17.88 -26.94 -2.62
C LEU B 25 -19.37 -26.59 -2.62
N ALA B 26 -19.80 -25.76 -1.67
CA ALA B 26 -21.20 -25.36 -1.61
C ALA B 26 -21.59 -24.51 -2.83
N LEU B 27 -20.69 -23.64 -3.28
CA LEU B 27 -20.97 -22.73 -4.38
C LEU B 27 -20.66 -23.34 -5.75
N LEU B 28 -20.10 -24.55 -5.78
CA LEU B 28 -19.83 -25.21 -7.06
C LEU B 28 -21.04 -25.33 -7.98
N PRO B 29 -22.24 -25.66 -7.53
CA PRO B 29 -23.38 -25.75 -8.46
C PRO B 29 -23.70 -24.45 -9.18
N VAL B 30 -23.26 -23.31 -8.66
CA VAL B 30 -23.50 -22.03 -9.33
C VAL B 30 -22.84 -22.03 -10.71
N VAL B 31 -21.64 -22.61 -10.82
CA VAL B 31 -20.92 -22.61 -12.08
C VAL B 31 -21.69 -23.37 -13.15
N PHE B 32 -22.23 -24.53 -12.78
CA PHE B 32 -22.99 -25.32 -13.75
C PHE B 32 -24.37 -24.73 -14.02
N ALA B 33 -24.94 -24.05 -13.03
CA ALA B 33 -26.29 -23.49 -13.19
C ALA B 33 -26.31 -22.38 -14.23
N LEU B 34 -25.32 -21.50 -14.21
CA LEU B 34 -25.28 -20.33 -15.06
C LEU B 34 -24.44 -20.61 -16.29
N PRO B 35 -24.47 -19.70 -17.28
CA PRO B 35 -23.51 -19.79 -18.37
C PRO B 35 -22.09 -19.70 -17.85
N PRO B 36 -21.12 -20.28 -18.55
CA PRO B 36 -19.79 -20.48 -17.95
C PRO B 36 -19.12 -19.23 -17.41
N LYS B 37 -19.00 -18.17 -18.23
CA LYS B 37 -18.29 -16.97 -17.79
C LYS B 37 -19.04 -16.27 -16.67
N GLU B 38 -20.34 -16.05 -16.85
CA GLU B 38 -21.16 -15.44 -15.81
C GLU B 38 -21.21 -16.32 -14.57
N GLY B 39 -21.31 -17.63 -14.75
CA GLY B 39 -21.35 -18.54 -13.61
C GLY B 39 -20.07 -18.49 -12.79
N ARG B 40 -18.92 -18.47 -13.46
CA ARG B 40 -17.65 -18.39 -12.74
C ARG B 40 -17.49 -17.05 -12.05
N CYS B 41 -17.93 -15.96 -12.70
CA CYS B 41 -17.88 -14.65 -12.04
C CYS B 41 -18.76 -14.62 -10.79
N LEU B 42 -19.96 -15.18 -10.90
CA LEU B 42 -20.86 -15.24 -9.75
C LEU B 42 -20.28 -16.11 -8.65
N PHE B 43 -19.62 -17.21 -9.02
CA PHE B 43 -18.96 -18.06 -8.03
C PHE B 43 -17.89 -17.27 -7.28
N VAL B 44 -17.07 -16.51 -8.01
CA VAL B 44 -16.03 -15.72 -7.38
C VAL B 44 -16.64 -14.68 -6.44
N ILE B 45 -17.68 -13.99 -6.91
CA ILE B 45 -18.29 -12.94 -6.11
C ILE B 45 -18.92 -13.51 -4.85
N LEU B 46 -19.63 -14.63 -4.97
CA LEU B 46 -20.26 -15.24 -3.80
C LEU B 46 -19.22 -15.78 -2.82
N LEU B 47 -18.14 -16.37 -3.34
CA LEU B 47 -17.07 -16.83 -2.46
C LEU B 47 -16.45 -15.67 -1.70
N MET B 48 -16.21 -14.55 -2.39
CA MET B 48 -15.66 -13.38 -1.72
C MET B 48 -16.63 -12.83 -0.67
N ALA B 49 -17.92 -12.82 -0.99
CA ALA B 49 -18.92 -12.34 -0.04
C ALA B 49 -18.95 -13.21 1.22
N VAL B 50 -18.94 -14.54 1.05
CA VAL B 50 -18.95 -15.43 2.21
C VAL B 50 -17.68 -15.26 3.03
N TYR B 51 -16.52 -15.19 2.36
CA TYR B 51 -15.27 -15.02 3.07
C TYR B 51 -15.22 -13.70 3.82
N TRP B 52 -15.83 -12.65 3.27
CA TRP B 52 -15.88 -11.36 3.95
C TRP B 52 -16.82 -11.41 5.15
N CYS B 53 -17.99 -12.03 4.99
CA CYS B 53 -18.97 -12.05 6.07
C CYS B 53 -18.51 -12.92 7.23
N THR B 54 -17.78 -14.00 6.95
CA THR B 54 -17.28 -14.87 8.00
C THR B 54 -15.86 -14.51 8.45
N GLU B 55 -15.24 -13.52 7.82
CA GLU B 55 -13.79 -13.27 7.93
C GLU B 55 -13.01 -14.59 8.00
N ALA B 56 -13.35 -15.52 7.10
CA ALA B 56 -12.57 -16.75 6.97
C ALA B 56 -11.14 -16.45 6.58
N LEU B 57 -10.92 -15.35 5.88
CA LEU B 57 -9.62 -14.79 5.57
C LEU B 57 -9.61 -13.35 6.05
N PRO B 58 -8.43 -12.74 6.16
CA PRO B 58 -8.39 -11.28 6.36
C PRO B 58 -9.08 -10.58 5.20
N LEU B 59 -9.76 -9.47 5.51
CA LEU B 59 -10.56 -8.79 4.51
C LEU B 59 -9.73 -8.36 3.31
N SER B 60 -8.53 -7.83 3.56
CA SER B 60 -7.65 -7.43 2.47
C SER B 60 -7.17 -8.66 1.68
N VAL B 61 -6.93 -9.78 2.36
CA VAL B 61 -6.51 -11.00 1.68
C VAL B 61 -7.64 -11.50 0.79
N THR B 62 -8.88 -11.49 1.29
CA THR B 62 -10.02 -11.84 0.45
C THR B 62 -10.17 -10.87 -0.72
N ALA B 63 -9.82 -9.59 -0.51
CA ALA B 63 -9.88 -8.61 -1.58
C ALA B 63 -8.87 -8.91 -2.68
N LEU B 64 -7.84 -9.71 -2.40
CA LEU B 64 -6.88 -10.12 -3.42
C LEU B 64 -7.36 -11.35 -4.20
N LEU B 65 -8.49 -11.93 -3.82
CA LEU B 65 -9.01 -13.08 -4.55
C LEU B 65 -9.25 -12.83 -6.04
N PRO B 66 -9.75 -11.66 -6.48
CA PRO B 66 -9.92 -11.48 -7.94
C PRO B 66 -8.65 -11.69 -8.73
N ILE B 67 -7.50 -11.23 -8.23
CA ILE B 67 -6.24 -11.38 -8.94
C ILE B 67 -5.95 -12.85 -9.23
N VAL B 68 -6.34 -13.73 -8.31
CA VAL B 68 -6.15 -15.16 -8.54
C VAL B 68 -7.25 -15.71 -9.44
N LEU B 69 -8.50 -15.51 -9.04
CA LEU B 69 -9.61 -16.27 -9.61
C LEU B 69 -9.96 -15.80 -11.03
N PHE B 70 -10.01 -14.49 -11.26
CA PHE B 70 -10.41 -14.00 -12.58
C PHE B 70 -9.50 -14.51 -13.70
N PRO B 71 -8.18 -14.55 -13.56
CA PRO B 71 -7.36 -15.11 -14.65
C PRO B 71 -7.49 -16.61 -14.81
N PHE B 72 -7.51 -17.39 -13.72
CA PHE B 72 -7.66 -18.83 -13.87
C PHE B 72 -8.99 -19.20 -14.52
N MET B 73 -10.06 -18.52 -14.15
CA MET B 73 -11.38 -18.80 -14.70
C MET B 73 -11.65 -18.06 -16.00
N GLY B 74 -10.67 -17.32 -16.52
CA GLY B 74 -10.82 -16.69 -17.81
C GLY B 74 -11.71 -15.47 -17.83
N ILE B 75 -12.11 -14.96 -16.67
CA ILE B 75 -12.97 -13.78 -16.63
C ILE B 75 -12.21 -12.54 -17.05
N LEU B 76 -10.99 -12.36 -16.55
CA LEU B 76 -10.26 -11.13 -16.80
C LEU B 76 -8.76 -11.40 -16.64
N PRO B 77 -7.92 -10.92 -17.54
CA PRO B 77 -6.48 -11.19 -17.43
C PRO B 77 -5.83 -10.38 -16.31
N SER B 78 -4.60 -10.76 -16.00
CA SER B 78 -3.87 -10.15 -14.89
C SER B 78 -3.68 -8.65 -15.10
N ASN B 79 -3.29 -8.26 -16.31
CA ASN B 79 -3.01 -6.88 -16.64
C ASN B 79 -4.27 -6.00 -16.66
N LYS B 80 -5.45 -6.60 -16.52
CA LYS B 80 -6.68 -5.85 -16.35
C LYS B 80 -7.20 -5.85 -14.92
N VAL B 81 -7.07 -6.98 -14.22
CA VAL B 81 -7.51 -7.02 -12.82
C VAL B 81 -6.62 -6.18 -11.94
N CYS B 82 -5.29 -6.32 -12.08
CA CYS B 82 -4.38 -5.68 -11.15
C CYS B 82 -4.44 -4.16 -11.18
N PRO B 83 -4.52 -3.42 -12.31
CA PRO B 83 -4.67 -1.94 -12.30
C PRO B 83 -5.96 -1.37 -11.67
N GLN B 84 -7.04 -2.13 -11.62
CA GLN B 84 -8.27 -1.73 -10.92
C GLN B 84 -8.03 -1.46 -9.44
N TYR B 85 -6.95 -1.91 -8.86
CA TYR B 85 -6.69 -1.78 -7.41
C TYR B 85 -6.10 -0.41 -7.05
N PHE B 86 -5.73 0.36 -8.05
CA PHE B 86 -5.27 1.74 -7.83
C PHE B 86 -5.91 2.72 -8.80
N LEU B 87 -7.20 2.62 -9.05
CA LEU B 87 -8.02 3.68 -9.69
C LEU B 87 -7.86 4.96 -8.85
N ASP B 88 -8.12 6.21 -9.36
CA ASP B 88 -7.84 7.47 -8.67
C ASP B 88 -8.71 7.64 -7.42
N THR B 89 -9.84 6.95 -7.35
CA THR B 89 -10.63 6.96 -6.11
C THR B 89 -9.79 6.47 -4.93
N ASN B 90 -8.99 5.42 -5.14
CA ASN B 90 -8.20 4.89 -4.05
C ASN B 90 -7.03 5.82 -3.71
N PHE B 91 -6.57 6.62 -4.66
CA PHE B 91 -5.54 7.61 -4.34
C PHE B 91 -6.14 8.80 -3.59
N LEU B 92 -7.39 9.15 -3.89
CA LEU B 92 -8.09 10.11 -3.04
C LEU B 92 -8.24 9.57 -1.63
N PHE B 93 -8.55 8.28 -1.51
CA PHE B 93 -8.59 7.64 -0.20
C PHE B 93 -7.23 7.73 0.50
N LEU B 94 -6.15 7.45 -0.23
CA LEU B 94 -4.81 7.51 0.36
C LEU B 94 -4.47 8.92 0.82
N SER B 95 -4.83 9.93 0.01
CA SER B 95 -4.57 11.31 0.41
C SER B 95 -5.36 11.68 1.66
N GLY B 96 -6.63 11.26 1.73
CA GLY B 96 -7.40 11.50 2.93
C GLY B 96 -6.81 10.82 4.16
N LEU B 97 -6.32 9.59 3.99
CA LEU B 97 -5.70 8.88 5.10
C LEU B 97 -4.41 9.56 5.54
N ILE B 98 -3.62 10.04 4.58
CA ILE B 98 -2.39 10.75 4.93
C ILE B 98 -2.70 12.04 5.67
N MET B 99 -3.74 12.75 5.24
CA MET B 99 -4.12 13.98 5.91
C MET B 99 -4.62 13.69 7.33
N ALA B 100 -5.39 12.61 7.49
CA ALA B 100 -5.83 12.20 8.82
C ALA B 100 -4.65 11.82 9.70
N SER B 101 -3.65 11.16 9.12
CA SER B 101 -2.44 10.81 9.87
C SER B 101 -1.71 12.07 10.32
N ALA B 102 -1.63 13.07 9.45
CA ALA B 102 -1.01 14.35 9.83
C ALA B 102 -1.79 15.03 10.94
N ILE B 103 -3.13 14.99 10.86
CA ILE B 103 -3.96 15.62 11.88
C ILE B 103 -3.77 14.92 13.23
N GLU B 104 -3.76 13.60 13.23
CA GLU B 104 -3.62 12.85 14.47
C GLU B 104 -2.21 12.90 15.02
N GLU B 105 -1.21 13.13 14.15
CA GLU B 105 0.17 13.19 14.60
C GLU B 105 0.41 14.37 15.52
N TRP B 106 -0.22 15.51 15.24
CA TRP B 106 -0.02 16.73 16.01
C TRP B 106 -1.13 16.98 17.01
N ASN B 107 -2.00 16.00 17.25
CA ASN B 107 -3.09 16.10 18.22
C ASN B 107 -4.03 17.26 17.91
N LEU B 108 -4.16 17.60 16.64
CA LEU B 108 -5.12 18.63 16.25
C LEU B 108 -6.54 18.15 16.48
N HIS B 109 -6.80 16.86 16.25
CA HIS B 109 -8.13 16.30 16.47
C HIS B 109 -8.53 16.42 17.94
N ARG B 110 -7.60 16.14 18.86
CA ARG B 110 -7.92 16.26 20.27
C ARG B 110 -8.18 17.70 20.67
N ARG B 111 -7.41 18.64 20.12
CA ARG B 111 -7.65 20.05 20.42
C ARG B 111 -9.02 20.49 19.93
N ILE B 112 -9.38 20.10 18.70
CA ILE B 112 -10.69 20.45 18.17
C ILE B 112 -11.79 19.82 19.01
N ALA B 113 -11.60 18.55 19.40
CA ALA B 113 -12.60 17.86 20.20
C ALA B 113 -12.84 18.54 21.53
N LEU B 114 -11.75 18.85 22.24
CA LEU B 114 -11.90 19.48 23.55
C LEU B 114 -12.47 20.89 23.44
N LYS B 115 -12.09 21.62 22.38
CA LYS B 115 -12.67 22.93 22.17
C LYS B 115 -14.18 22.83 21.95
N ILE B 116 -14.62 21.91 21.09
CA ILE B 116 -16.06 21.77 20.84
C ILE B 116 -16.77 21.37 22.12
N LEU B 117 -16.14 20.49 22.91
CA LEU B 117 -16.75 20.08 24.18
C LEU B 117 -16.89 21.25 25.14
N MET B 118 -15.91 22.15 25.17
CA MET B 118 -16.04 23.34 26.00
C MET B 118 -17.15 24.26 25.50
N LEU B 119 -17.24 24.49 24.19
CA LEU B 119 -18.26 25.40 23.68
C LEU B 119 -19.68 24.86 23.86
N VAL B 120 -19.89 23.55 23.66
CA VAL B 120 -21.26 23.05 23.67
C VAL B 120 -21.89 23.20 25.05
N GLY B 121 -21.16 22.86 26.11
CA GLY B 121 -21.66 22.96 27.46
C GLY B 121 -21.45 21.68 28.23
N VAL B 122 -22.13 21.57 29.36
CA VAL B 122 -21.96 20.44 30.26
C VAL B 122 -23.27 19.78 30.67
N GLN B 123 -24.42 20.41 30.41
CA GLN B 123 -25.69 19.80 30.77
C GLN B 123 -25.85 18.46 30.04
N PRO B 124 -26.50 17.47 30.65
CA PRO B 124 -26.46 16.11 30.07
C PRO B 124 -26.96 16.02 28.64
N ALA B 125 -28.06 16.71 28.31
CA ALA B 125 -28.49 16.76 26.92
C ALA B 125 -27.47 17.51 26.07
N ARG B 126 -27.01 18.66 26.55
CA ARG B 126 -26.01 19.42 25.83
C ARG B 126 -24.69 18.67 25.72
N LEU B 127 -24.32 17.92 26.76
CA LEU B 127 -23.06 17.19 26.71
C LEU B 127 -23.14 15.99 25.77
N ILE B 128 -24.29 15.30 25.73
CA ILE B 128 -24.50 14.27 24.71
C ILE B 128 -24.41 14.89 23.32
N LEU B 129 -25.06 16.04 23.13
CA LEU B 129 -25.03 16.70 21.83
C LEU B 129 -23.61 17.08 21.43
N GLY B 130 -22.83 17.57 22.40
CA GLY B 130 -21.45 17.93 22.10
C GLY B 130 -20.61 16.72 21.74
N MET B 131 -20.76 15.62 22.48
CA MET B 131 -20.04 14.41 22.14
C MET B 131 -20.39 13.92 20.74
N MET B 132 -21.69 13.91 20.41
CA MET B 132 -22.10 13.42 19.10
C MET B 132 -21.62 14.34 17.98
N VAL B 133 -21.73 15.65 18.17
CA VAL B 133 -21.26 16.60 17.17
C VAL B 133 -19.77 16.46 16.95
N THR B 134 -19.00 16.35 18.04
CA THR B 134 -17.56 16.20 17.94
C THR B 134 -17.20 14.92 17.18
N THR B 135 -17.80 13.79 17.57
CA THR B 135 -17.46 12.54 16.92
C THR B 135 -17.85 12.53 15.45
N SER B 136 -19.03 13.07 15.13
CA SER B 136 -19.47 13.11 13.74
C SER B 136 -18.58 14.02 12.91
N PHE B 137 -18.19 15.18 13.45
CA PHE B 137 -17.31 16.08 12.72
C PHE B 137 -15.94 15.45 12.50
N LEU B 138 -15.40 14.77 13.51
CA LEU B 138 -14.08 14.17 13.36
C LEU B 138 -14.11 12.95 12.46
N SER B 139 -15.24 12.25 12.37
CA SER B 139 -15.34 11.09 11.50
C SER B 139 -15.50 11.46 10.03
N MET B 140 -15.80 12.73 9.73
CA MET B 140 -15.83 13.16 8.34
C MET B 140 -14.44 13.17 7.72
N TRP B 141 -13.39 13.24 8.54
CA TRP B 141 -12.03 13.30 8.06
C TRP B 141 -11.13 12.20 8.61
N LEU B 142 -11.36 11.75 9.84
CA LEU B 142 -10.65 10.61 10.39
C LEU B 142 -11.52 9.36 10.25
N SER B 143 -10.91 8.21 10.53
CA SER B 143 -11.67 6.97 10.51
C SER B 143 -12.63 6.91 11.69
N ASN B 144 -13.75 6.21 11.49
CA ASN B 144 -14.74 6.06 12.57
C ASN B 144 -14.12 5.34 13.76
N THR B 145 -13.28 4.33 13.50
CA THR B 145 -12.61 3.62 14.58
C THR B 145 -11.73 4.55 15.40
N ALA B 146 -10.91 5.36 14.73
CA ALA B 146 -10.02 6.27 15.44
C ALA B 146 -10.81 7.32 16.22
N SER B 147 -11.86 7.86 15.60
CA SER B 147 -12.68 8.88 16.28
C SER B 147 -13.32 8.31 17.53
N THR B 148 -13.90 7.11 17.44
CA THR B 148 -14.50 6.48 18.60
C THR B 148 -13.47 6.19 19.68
N ALA B 149 -12.31 5.64 19.28
CA ALA B 149 -11.28 5.29 20.25
C ALA B 149 -10.67 6.52 20.92
N MET B 150 -10.70 7.66 20.25
CA MET B 150 -10.20 8.88 20.87
C MET B 150 -11.26 9.57 21.72
N MET B 151 -12.53 9.46 21.35
CA MET B 151 -13.58 10.14 22.09
C MET B 151 -13.99 9.37 23.34
N LEU B 152 -13.88 8.04 23.33
CA LEU B 152 -14.34 7.26 24.48
C LEU B 152 -13.60 7.57 25.77
N PRO B 153 -12.26 7.67 25.81
CA PRO B 153 -11.61 8.01 27.09
C PRO B 153 -12.02 9.37 27.64
N ILE B 154 -12.25 10.36 26.77
CA ILE B 154 -12.70 11.67 27.24
C ILE B 154 -14.08 11.56 27.88
N ALA B 155 -14.98 10.81 27.25
CA ALA B 155 -16.30 10.59 27.83
C ALA B 155 -16.21 9.88 29.16
N ASN B 156 -15.33 8.88 29.26
CA ASN B 156 -15.16 8.17 30.54
C ASN B 156 -14.65 9.11 31.62
N ALA B 157 -13.67 9.96 31.29
CA ALA B 157 -13.13 10.89 32.28
C ALA B 157 -14.20 11.88 32.73
N ILE B 158 -14.97 12.42 31.78
CA ILE B 158 -16.02 13.38 32.13
C ILE B 158 -17.08 12.71 33.00
N LEU B 159 -17.46 11.48 32.66
CA LEU B 159 -18.46 10.77 33.44
C LEU B 159 -17.96 10.47 34.85
N LYS B 160 -16.68 10.10 34.99
CA LYS B 160 -16.11 9.90 36.31
C LYS B 160 -16.14 11.19 37.12
N SER B 161 -15.79 12.31 36.49
CA SER B 161 -15.81 13.59 37.19
C SER B 161 -17.22 13.98 37.61
N LEU B 162 -18.21 13.75 36.75
CA LEU B 162 -19.58 14.16 37.04
C LEU B 162 -20.14 13.41 38.23
N PHE B 163 -19.86 12.11 38.33
CA PHE B 163 -20.44 11.26 39.34
C PHE B 163 -19.48 10.97 40.50
N GLY B 164 -18.36 11.69 40.57
CA GLY B 164 -17.41 11.49 41.65
C GLY B 164 -17.92 11.97 42.99
N ASP B 219 -31.68 8.73 46.87
CA ASP B 219 -30.52 8.14 46.22
C ASP B 219 -30.81 6.66 45.97
N SER B 220 -29.78 5.81 46.16
CA SER B 220 -29.89 4.36 46.06
C SER B 220 -30.37 4.00 44.66
N ARG B 221 -31.54 3.37 44.49
CA ARG B 221 -31.92 2.80 43.21
C ARG B 221 -32.11 3.88 42.14
N LYS B 222 -32.84 4.94 42.48
CA LYS B 222 -33.13 5.97 41.49
C LYS B 222 -31.86 6.62 40.97
N GLU B 223 -30.99 7.06 41.88
CA GLU B 223 -29.75 7.71 41.47
C GLU B 223 -28.83 6.76 40.72
N ASP B 224 -28.71 5.52 41.19
CA ASP B 224 -27.77 4.61 40.54
C ASP B 224 -28.25 4.21 39.15
N GLU B 225 -29.56 4.01 38.97
CA GLU B 225 -30.08 3.70 37.65
C GLU B 225 -29.98 4.90 36.72
N TYR B 226 -30.19 6.12 37.24
CA TYR B 226 -29.97 7.31 36.43
C TYR B 226 -28.53 7.41 35.97
N ARG B 227 -27.59 7.19 36.89
CA ARG B 227 -26.18 7.19 36.52
C ARG B 227 -25.89 6.17 35.44
N ARG B 228 -26.40 4.93 35.63
CA ARG B 228 -26.12 3.85 34.70
C ARG B 228 -26.67 4.16 33.30
N ASN B 229 -27.88 4.71 33.24
CA ASN B 229 -28.45 5.08 31.96
C ASN B 229 -27.64 6.19 31.30
N ILE B 230 -27.13 7.14 32.09
CA ILE B 230 -26.25 8.17 31.54
C ILE B 230 -24.97 7.55 30.98
N TRP B 231 -24.37 6.61 31.72
CA TRP B 231 -23.16 5.94 31.24
C TRP B 231 -23.42 5.30 29.89
N LYS B 232 -24.52 4.53 29.81
CA LYS B 232 -24.84 3.83 28.57
C LYS B 232 -25.11 4.81 27.44
N GLY B 233 -25.83 5.90 27.73
CA GLY B 233 -26.11 6.88 26.68
C GLY B 233 -24.86 7.50 26.12
N PHE B 234 -23.93 7.91 26.99
CA PHE B 234 -22.67 8.45 26.50
C PHE B 234 -21.88 7.41 25.70
N LEU B 235 -21.81 6.17 26.21
CA LEU B 235 -20.97 5.17 25.54
C LEU B 235 -21.58 4.72 24.22
N ILE B 236 -22.89 4.87 24.05
CA ILE B 236 -23.52 4.49 22.79
C ILE B 236 -23.65 5.65 21.81
N SER B 237 -23.59 6.90 22.29
CA SER B 237 -23.74 8.04 21.38
C SER B 237 -22.50 8.24 20.51
N ILE B 238 -21.34 7.80 20.98
CA ILE B 238 -20.07 8.06 20.28
C ILE B 238 -19.94 7.21 19.02
N PRO B 239 -20.03 5.87 19.08
CA PRO B 239 -19.90 5.11 17.83
C PRO B 239 -21.02 5.38 16.85
N TYR B 240 -22.23 5.62 17.34
CA TYR B 240 -23.33 5.97 16.45
C TYR B 240 -23.03 7.26 15.70
N SER B 241 -22.54 8.27 16.42
CA SER B 241 -22.22 9.54 15.77
C SER B 241 -21.01 9.41 14.85
N ALA B 242 -20.06 8.53 15.18
CA ALA B 242 -18.94 8.29 14.26
C ALA B 242 -19.43 7.69 12.95
N SER B 243 -20.30 6.68 13.03
CA SER B 243 -20.87 6.10 11.82
C SER B 243 -21.71 7.12 11.07
N ILE B 244 -22.39 8.01 11.80
CA ILE B 244 -23.20 9.05 11.18
C ILE B 244 -22.31 10.02 10.39
N GLY B 245 -21.24 10.48 11.03
CA GLY B 245 -20.38 11.47 10.40
C GLY B 245 -19.54 10.90 9.26
N GLY B 246 -19.23 9.61 9.31
CA GLY B 246 -18.44 9.01 8.24
C GLY B 246 -19.12 9.08 6.89
N THR B 247 -20.45 9.16 6.87
CA THR B 247 -21.19 9.22 5.61
C THR B 247 -21.25 10.61 5.01
N ALA B 248 -20.89 11.65 5.77
CA ALA B 248 -21.08 13.02 5.28
C ALA B 248 -20.07 13.38 4.20
N THR B 249 -18.86 12.84 4.27
CA THR B 249 -17.82 13.13 3.29
C THR B 249 -17.46 11.86 2.53
N LEU B 250 -16.96 12.04 1.30
CA LEU B 250 -16.55 10.90 0.49
C LEU B 250 -15.41 10.13 1.15
N THR B 251 -14.44 10.85 1.71
CA THR B 251 -13.32 10.24 2.41
C THR B 251 -13.66 9.88 3.85
N GLY B 252 -14.86 10.21 4.32
CA GLY B 252 -15.22 9.89 5.69
C GLY B 252 -15.28 8.40 5.95
N THR B 253 -15.83 7.64 5.00
CA THR B 253 -15.94 6.20 5.14
C THR B 253 -15.66 5.54 3.80
N ALA B 254 -15.09 4.33 3.88
CA ALA B 254 -14.73 3.59 2.67
C ALA B 254 -15.89 3.29 1.73
N PRO B 255 -17.10 2.95 2.20
CA PRO B 255 -18.18 2.64 1.24
C PRO B 255 -18.49 3.74 0.25
N ASN B 256 -18.32 5.01 0.61
CA ASN B 256 -18.55 6.09 -0.35
C ASN B 256 -17.55 5.99 -1.51
N LEU B 257 -16.30 5.69 -1.20
CA LEU B 257 -15.30 5.52 -2.25
C LEU B 257 -15.52 4.23 -3.03
N ILE B 258 -16.06 3.20 -2.39
CA ILE B 258 -16.51 2.02 -3.12
C ILE B 258 -17.58 2.41 -4.13
N LEU B 259 -18.51 3.28 -3.73
CA LEU B 259 -19.52 3.78 -4.65
C LEU B 259 -18.90 4.49 -5.84
N LEU B 260 -17.91 5.35 -5.57
CA LEU B 260 -17.24 6.05 -6.67
C LEU B 260 -16.56 5.08 -7.62
N GLY B 261 -15.79 4.13 -7.09
CA GLY B 261 -15.07 3.20 -7.96
C GLY B 261 -15.99 2.29 -8.75
N GLN B 262 -17.02 1.76 -8.11
CA GLN B 262 -17.96 0.90 -8.83
C GLN B 262 -18.79 1.71 -9.81
N LEU B 263 -19.00 3.00 -9.56
CA LEU B 263 -19.59 3.87 -10.57
C LEU B 263 -18.68 4.00 -11.77
N LYS B 264 -17.39 4.22 -11.52
CA LYS B 264 -16.42 4.30 -12.60
C LYS B 264 -16.43 3.03 -13.43
N SER B 265 -16.60 1.87 -12.80
CA SER B 265 -16.66 0.61 -13.53
C SER B 265 -17.96 0.44 -14.30
N PHE B 266 -19.10 0.56 -13.62
CA PHE B 266 -20.39 0.28 -14.26
C PHE B 266 -20.82 1.40 -15.19
N PHE B 267 -20.62 2.65 -14.79
CA PHE B 267 -21.06 3.82 -15.55
C PHE B 267 -19.87 4.75 -15.75
N PRO B 268 -19.03 4.48 -16.74
CA PRO B 268 -17.82 5.30 -16.94
C PRO B 268 -18.10 6.77 -17.21
N GLN B 269 -19.24 7.10 -17.84
CA GLN B 269 -19.52 8.49 -18.17
C GLN B 269 -20.18 9.25 -17.02
N CYS B 270 -20.44 8.59 -15.90
CA CYS B 270 -21.03 9.28 -14.75
C CYS B 270 -19.94 10.02 -13.99
N ASP B 271 -20.13 11.34 -13.83
CA ASP B 271 -19.14 12.16 -13.13
C ASP B 271 -19.80 13.19 -12.21
N VAL B 272 -21.09 13.06 -11.92
CA VAL B 272 -21.79 14.06 -11.13
C VAL B 272 -21.52 13.90 -9.64
N VAL B 273 -21.08 12.73 -9.20
CA VAL B 273 -20.75 12.50 -7.79
C VAL B 273 -19.28 12.80 -7.57
N ASN B 274 -19.00 13.82 -6.75
CA ASN B 274 -17.65 14.17 -6.34
C ASN B 274 -17.71 14.62 -4.89
N PHE B 275 -16.60 15.19 -4.40
CA PHE B 275 -16.53 15.58 -3.01
C PHE B 275 -17.57 16.65 -2.67
N GLY B 276 -17.67 17.68 -3.51
CA GLY B 276 -18.58 18.77 -3.21
C GLY B 276 -20.04 18.37 -3.27
N SER B 277 -20.42 17.63 -4.33
CA SER B 277 -21.82 17.21 -4.46
C SER B 277 -22.20 16.21 -3.39
N TRP B 278 -21.32 15.26 -3.09
CA TRP B 278 -21.61 14.33 -2.01
C TRP B 278 -21.73 15.05 -0.69
N PHE B 279 -20.88 16.04 -0.44
CA PHE B 279 -20.98 16.78 0.82
C PHE B 279 -22.30 17.54 0.91
N ILE B 280 -22.66 18.29 -0.14
CA ILE B 280 -23.89 19.06 -0.08
C ILE B 280 -25.11 18.16 0.01
N PHE B 281 -25.02 16.91 -0.46
CA PHE B 281 -26.14 15.99 -0.27
C PHE B 281 -26.17 15.42 1.14
N ALA B 282 -25.04 14.92 1.63
CA ALA B 282 -25.02 14.08 2.82
C ALA B 282 -24.90 14.87 4.12
N PHE B 283 -24.27 16.04 4.10
CA PHE B 283 -24.09 16.81 5.33
C PHE B 283 -25.41 17.23 5.95
N PRO B 284 -26.39 17.80 5.22
CA PRO B 284 -27.70 18.06 5.85
C PRO B 284 -28.39 16.79 6.34
N LEU B 285 -28.29 15.70 5.56
CA LEU B 285 -28.83 14.42 6.01
C LEU B 285 -28.10 13.94 7.26
N MET B 286 -26.77 14.11 7.29
CA MET B 286 -25.99 13.74 8.47
C MET B 286 -26.45 14.54 9.68
N LEU B 287 -26.68 15.84 9.51
CA LEU B 287 -27.10 16.68 10.63
C LEU B 287 -28.49 16.29 11.12
N LEU B 288 -29.43 16.04 10.19
CA LEU B 288 -30.76 15.64 10.59
C LEU B 288 -30.75 14.33 11.36
N PHE B 289 -30.00 13.34 10.85
CA PHE B 289 -29.96 12.06 11.53
C PHE B 289 -29.17 12.12 12.83
N LEU B 290 -28.15 12.98 12.90
CA LEU B 290 -27.45 13.19 14.17
C LEU B 290 -28.36 13.80 15.22
N LEU B 291 -29.17 14.79 14.82
CA LEU B 291 -30.10 15.40 15.76
C LEU B 291 -31.17 14.41 16.20
N ALA B 292 -31.69 13.60 15.27
CA ALA B 292 -32.67 12.59 15.63
C ALA B 292 -32.08 11.57 16.58
N GLY B 293 -30.85 11.12 16.32
CA GLY B 293 -30.19 10.19 17.22
C GLY B 293 -29.92 10.79 18.58
N TRP B 294 -29.54 12.07 18.62
CA TRP B 294 -29.32 12.74 19.90
C TRP B 294 -30.61 12.80 20.71
N LEU B 295 -31.72 13.17 20.06
CA LEU B 295 -32.99 13.21 20.76
C LEU B 295 -33.38 11.82 21.26
N TRP B 296 -33.22 10.80 20.41
CA TRP B 296 -33.60 9.45 20.80
C TRP B 296 -32.75 8.94 21.96
N ILE B 297 -31.45 9.19 21.92
CA ILE B 297 -30.56 8.71 22.98
C ILE B 297 -30.82 9.47 24.28
N SER B 298 -31.05 10.78 24.19
CA SER B 298 -31.36 11.56 25.39
C SER B 298 -32.66 11.10 26.02
N PHE B 299 -33.69 10.85 25.20
CA PHE B 299 -34.96 10.36 25.73
C PHE B 299 -34.80 8.97 26.34
N LEU B 300 -34.03 8.10 25.69
CA LEU B 300 -33.88 6.73 26.17
C LEU B 300 -33.04 6.67 27.44
N TYR B 301 -31.98 7.46 27.50
CA TYR B 301 -31.02 7.37 28.60
C TYR B 301 -30.90 8.64 29.43
N GLY B 302 -30.80 9.80 28.79
CA GLY B 302 -30.57 11.04 29.50
C GLY B 302 -31.78 11.66 30.16
N GLY B 303 -32.95 11.04 30.05
CA GLY B 303 -34.15 11.59 30.64
C GLY B 303 -34.62 12.89 30.02
N LEU B 304 -34.58 12.97 28.69
CA LEU B 304 -35.03 14.17 27.98
C LEU B 304 -36.54 14.34 28.10
N ASN B 319 -22.26 21.24 41.46
CA ASN B 319 -20.84 21.01 41.62
C ASN B 319 -20.33 19.99 40.61
N ALA B 320 -21.19 19.05 40.22
CA ALA B 320 -20.82 18.06 39.22
C ALA B 320 -20.53 18.72 37.87
N GLU B 321 -21.38 19.67 37.46
CA GLU B 321 -21.14 20.38 36.21
C GLU B 321 -19.83 21.17 36.28
N ASP B 322 -19.57 21.80 37.42
CA ASP B 322 -18.30 22.51 37.59
C ASP B 322 -17.12 21.56 37.51
N ARG B 323 -17.24 20.37 38.11
CA ARG B 323 -16.15 19.39 38.04
C ARG B 323 -15.90 18.94 36.60
N ALA B 324 -16.97 18.69 35.84
CA ALA B 324 -16.78 18.29 34.45
C ALA B 324 -16.16 19.42 33.62
N ARG B 325 -16.61 20.66 33.85
CA ARG B 325 -16.01 21.81 33.19
C ARG B 325 -14.52 21.89 33.50
N ALA B 326 -14.17 21.70 34.77
CA ALA B 326 -12.78 21.77 35.18
C ALA B 326 -11.95 20.67 34.54
N VAL B 327 -12.51 19.46 34.43
CA VAL B 327 -11.77 18.36 33.81
C VAL B 327 -11.52 18.65 32.33
N ILE B 328 -12.54 19.14 31.62
CA ILE B 328 -12.37 19.43 30.21
C ILE B 328 -11.34 20.55 30.01
N ARG B 329 -11.44 21.62 30.80
CA ARG B 329 -10.47 22.70 30.71
C ARG B 329 -9.08 22.22 31.07
N GLU B 330 -8.97 21.33 32.05
CA GLU B 330 -7.68 20.81 32.47
C GLU B 330 -7.03 19.98 31.37
N GLU B 331 -7.81 19.15 30.69
CA GLU B 331 -7.24 18.36 29.60
C GLU B 331 -6.85 19.24 28.42
N TYR B 332 -7.66 20.27 28.14
CA TYR B 332 -7.26 21.24 27.12
C TYR B 332 -5.96 21.93 27.48
N GLN B 333 -5.78 22.30 28.75
CA GLN B 333 -4.52 22.88 29.19
C GLN B 333 -3.38 21.88 29.05
N ASN B 334 -3.64 20.60 29.38
CA ASN B 334 -2.65 19.56 29.20
C ASN B 334 -2.27 19.35 27.75
N LEU B 335 -3.12 19.76 26.81
CA LEU B 335 -2.73 19.74 25.40
C LEU B 335 -1.52 20.64 25.16
N GLY B 336 -1.36 21.69 25.97
CA GLY B 336 -0.25 22.60 25.81
C GLY B 336 -0.60 23.74 24.86
N PRO B 337 0.33 24.68 24.70
CA PRO B 337 0.09 25.80 23.78
C PRO B 337 -0.01 25.32 22.33
N ILE B 338 -0.75 26.08 21.53
CA ILE B 338 -0.89 25.77 20.11
C ILE B 338 0.47 25.94 19.44
N LYS B 339 0.88 24.92 18.68
CA LYS B 339 2.17 24.94 18.01
C LYS B 339 2.03 25.44 16.57
N PHE B 340 3.17 25.84 16.01
CA PHE B 340 3.22 26.22 14.61
C PHE B 340 2.85 25.05 13.70
N ALA B 341 3.29 23.84 14.05
CA ALA B 341 2.96 22.66 13.26
C ALA B 341 1.46 22.42 13.24
N GLU B 342 0.80 22.58 14.39
CA GLU B 342 -0.65 22.42 14.45
C GLU B 342 -1.36 23.44 13.57
N GLN B 343 -0.90 24.70 13.62
CA GLN B 343 -1.50 25.74 12.77
C GLN B 343 -1.30 25.42 11.30
N ALA B 344 -0.11 24.98 10.92
CA ALA B 344 0.16 24.65 9.52
C ALA B 344 -0.70 23.47 9.06
N VAL B 345 -0.84 22.45 9.91
CA VAL B 345 -1.67 21.30 9.56
C VAL B 345 -3.13 21.72 9.43
N PHE B 346 -3.59 22.62 10.31
CA PHE B 346 -4.96 23.11 10.21
C PHE B 346 -5.17 23.91 8.92
N ILE B 347 -4.21 24.77 8.56
CA ILE B 347 -4.31 25.52 7.31
C ILE B 347 -4.35 24.57 6.12
N LEU B 348 -3.50 23.54 6.13
CA LEU B 348 -3.48 22.58 5.04
C LEU B 348 -4.77 21.78 4.98
N PHE B 349 -5.35 21.45 6.13
CA PHE B 349 -6.63 20.77 6.15
C PHE B 349 -7.74 21.64 5.58
N CYS B 350 -7.74 22.92 5.94
CA CYS B 350 -8.73 23.83 5.38
C CYS B 350 -8.56 23.95 3.86
N MET B 351 -7.32 24.06 3.39
CA MET B 351 -7.08 24.09 1.95
C MET B 351 -7.54 22.80 1.28
N PHE B 352 -7.24 21.66 1.91
CA PHE B 352 -7.68 20.36 1.40
C PHE B 352 -9.19 20.32 1.22
N ALA B 353 -9.92 20.65 2.29
CA ALA B 353 -11.38 20.60 2.24
C ALA B 353 -11.95 21.61 1.25
N ILE B 354 -11.43 22.83 1.24
CA ILE B 354 -11.99 23.87 0.38
C ILE B 354 -11.72 23.55 -1.09
N LEU B 355 -10.50 23.13 -1.42
CA LEU B 355 -10.19 22.82 -2.81
C LEU B 355 -10.91 21.56 -3.28
N LEU B 356 -11.13 20.60 -2.39
CA LEU B 356 -11.96 19.46 -2.75
C LEU B 356 -13.40 19.88 -3.01
N PHE B 357 -13.93 20.77 -2.16
CA PHE B 357 -15.31 21.19 -2.32
C PHE B 357 -15.52 22.07 -3.54
N THR B 358 -14.60 23.00 -3.79
CA THR B 358 -14.79 24.01 -4.83
C THR B 358 -14.19 23.63 -6.18
N ARG B 359 -13.65 22.41 -6.31
CA ARG B 359 -13.09 22.00 -7.60
C ARG B 359 -14.16 21.92 -8.68
N ASP B 360 -15.29 21.30 -8.35
CA ASP B 360 -16.40 21.17 -9.30
C ASP B 360 -17.69 20.84 -8.57
N PRO B 361 -18.26 21.80 -7.82
CA PRO B 361 -19.46 21.50 -7.02
C PRO B 361 -20.71 21.28 -7.85
N LYS B 362 -20.64 21.39 -9.16
CA LYS B 362 -21.70 21.12 -10.14
C LYS B 362 -22.77 22.21 -10.18
N PHE B 363 -22.73 23.21 -9.31
CA PHE B 363 -23.65 24.33 -9.43
C PHE B 363 -22.99 25.69 -9.21
N ILE B 364 -21.69 25.72 -8.92
CA ILE B 364 -20.86 26.90 -9.16
C ILE B 364 -19.70 26.45 -10.04
N PRO B 365 -19.32 27.22 -11.05
CA PRO B 365 -18.11 26.87 -11.81
C PRO B 365 -16.90 26.84 -10.90
N GLY B 366 -16.23 25.68 -10.87
CA GLY B 366 -15.08 25.48 -10.03
C GLY B 366 -13.77 25.79 -10.75
N TRP B 367 -12.67 25.70 -9.99
CA TRP B 367 -11.37 26.02 -10.54
C TRP B 367 -10.86 24.94 -11.49
N ALA B 368 -11.53 23.78 -11.56
CA ALA B 368 -11.15 22.77 -12.54
C ALA B 368 -11.46 23.21 -13.97
N SER B 369 -12.34 24.20 -14.14
CA SER B 369 -12.63 24.72 -15.47
C SER B 369 -11.46 25.46 -16.07
N LEU B 370 -10.53 25.94 -15.24
CA LEU B 370 -9.34 26.63 -15.72
C LEU B 370 -8.33 25.71 -16.38
N PHE B 371 -8.50 24.41 -16.27
CA PHE B 371 -7.56 23.42 -16.77
C PHE B 371 -8.22 22.56 -17.86
N ASN B 372 -7.53 21.54 -18.29
CA ASN B 372 -8.04 20.64 -19.32
C ASN B 372 -9.22 19.86 -18.78
N PRO B 373 -10.40 19.91 -19.42
CA PRO B 373 -11.53 19.12 -18.95
C PRO B 373 -11.23 17.63 -19.01
N GLY B 374 -11.73 16.90 -18.02
CA GLY B 374 -11.54 15.46 -17.97
C GLY B 374 -10.17 15.01 -17.55
N PHE B 375 -9.34 15.90 -17.01
CA PHE B 375 -8.00 15.56 -16.56
C PHE B 375 -7.85 15.61 -15.05
N LEU B 376 -8.36 16.65 -14.41
CA LEU B 376 -8.24 16.79 -12.98
C LEU B 376 -9.30 15.95 -12.26
N SER B 377 -9.06 15.69 -10.99
CA SER B 377 -9.98 14.92 -10.16
C SER B 377 -9.72 15.28 -8.70
N ASP B 378 -10.55 14.75 -7.81
CA ASP B 378 -10.35 14.96 -6.39
C ASP B 378 -9.06 14.30 -5.90
N ALA B 379 -8.66 13.20 -6.54
CA ALA B 379 -7.43 12.53 -6.16
C ALA B 379 -6.22 13.43 -6.38
N VAL B 380 -6.19 14.15 -7.51
CA VAL B 380 -5.07 15.04 -7.80
C VAL B 380 -4.99 16.14 -6.75
N THR B 381 -6.14 16.73 -6.41
CA THR B 381 -6.16 17.77 -5.39
C THR B 381 -5.66 17.24 -4.05
N GLY B 382 -6.15 16.06 -3.65
CA GLY B 382 -5.74 15.50 -2.38
C GLY B 382 -4.26 15.19 -2.32
N VAL B 383 -3.73 14.57 -3.38
CA VAL B 383 -2.32 14.23 -3.41
C VAL B 383 -1.46 15.47 -3.42
N ALA B 384 -1.86 16.50 -4.18
CA ALA B 384 -1.11 17.74 -4.22
C ALA B 384 -1.08 18.42 -2.86
N ILE B 385 -2.20 18.40 -2.14
CA ILE B 385 -2.24 19.03 -0.82
C ILE B 385 -1.38 18.25 0.17
N VAL B 386 -1.51 16.92 0.17
CA VAL B 386 -0.79 16.12 1.17
C VAL B 386 0.70 16.03 0.84
N THR B 387 1.11 16.33 -0.39
CA THR B 387 2.53 16.39 -0.70
C THR B 387 3.22 17.52 0.07
N ILE B 388 2.49 18.61 0.34
CA ILE B 388 3.05 19.72 1.10
C ILE B 388 3.41 19.29 2.51
N LEU B 389 2.64 18.36 3.09
CA LEU B 389 2.92 17.91 4.45
C LEU B 389 4.29 17.28 4.59
N PHE B 390 4.82 16.71 3.51
CA PHE B 390 6.07 15.97 3.56
C PHE B 390 7.30 16.85 3.38
N PHE B 391 7.13 18.15 3.14
CA PHE B 391 8.27 19.07 3.13
C PHE B 391 8.06 20.36 3.90
N PHE B 392 6.84 20.68 4.30
CA PHE B 392 6.61 21.90 5.06
C PHE B 392 7.19 21.76 6.45
N PRO B 393 8.01 22.70 6.92
CA PRO B 393 8.63 22.55 8.24
C PRO B 393 7.60 22.59 9.36
N SER B 394 7.88 21.85 10.42
CA SER B 394 7.01 21.81 11.59
C SER B 394 7.35 22.89 12.61
N GLN B 395 8.56 23.44 12.56
CA GLN B 395 8.95 24.58 13.39
C GLN B 395 8.87 25.84 12.54
N ARG B 396 8.49 26.95 13.17
CA ARG B 396 8.28 28.19 12.43
C ARG B 396 9.60 28.71 11.88
N PRO B 397 9.72 28.93 10.57
CA PRO B 397 10.97 29.47 10.03
C PRO B 397 11.18 30.91 10.47
N SER B 398 12.46 31.27 10.58
CA SER B 398 12.85 32.63 10.95
C SER B 398 13.96 33.10 10.03
N LEU B 399 13.83 34.33 9.53
CA LEU B 399 14.88 34.91 8.70
C LEU B 399 16.13 35.24 9.48
N LYS B 400 16.01 35.42 10.80
CA LYS B 400 17.18 35.70 11.63
C LYS B 400 18.15 34.52 11.67
N TRP B 401 17.68 33.31 11.39
CA TRP B 401 18.57 32.15 11.42
C TRP B 401 19.64 32.25 10.35
N TRP B 402 19.30 32.79 9.18
CA TRP B 402 20.29 32.94 8.12
C TRP B 402 21.42 33.87 8.54
N PHE B 403 21.09 34.98 9.20
CA PHE B 403 22.11 35.94 9.62
C PHE B 403 22.88 35.47 10.84
N ASP B 404 22.23 34.73 11.74
CA ASP B 404 22.88 34.28 12.97
C ASP B 404 23.78 33.10 12.61
N PHE B 405 25.07 33.37 12.46
CA PHE B 405 26.01 32.32 12.10
C PHE B 405 26.34 31.41 13.27
N LYS B 406 26.05 31.83 14.50
CA LYS B 406 26.29 31.01 15.68
C LYS B 406 25.13 30.09 16.03
N ALA B 407 24.00 30.23 15.34
CA ALA B 407 22.84 29.37 15.62
C ALA B 407 23.11 27.95 15.15
N PRO B 408 22.52 26.96 15.83
CA PRO B 408 22.66 25.58 15.37
C PRO B 408 22.01 25.36 14.01
N ASN B 409 22.56 24.40 13.26
CA ASN B 409 22.13 24.13 11.89
C ASN B 409 21.50 22.74 11.77
N THR B 410 20.72 22.35 12.76
CA THR B 410 20.03 21.07 12.73
C THR B 410 18.97 21.06 11.64
N GLU B 411 18.79 19.90 11.02
CA GLU B 411 17.78 19.79 9.96
C GLU B 411 16.39 19.90 10.55
N THR B 412 15.51 20.58 9.84
CA THR B 412 14.17 20.84 10.35
C THR B 412 13.29 19.60 10.24
N GLU B 413 12.41 19.45 11.21
CA GLU B 413 11.42 18.39 11.19
C GLU B 413 10.27 18.78 10.28
N PRO B 414 9.94 17.99 9.26
CA PRO B 414 8.76 18.28 8.44
C PRO B 414 7.48 17.96 9.20
N LEU B 415 6.35 18.42 8.63
CA LEU B 415 5.06 18.21 9.26
C LEU B 415 4.75 16.72 9.38
N LEU B 416 5.02 15.95 8.33
CA LEU B 416 4.80 14.51 8.34
C LEU B 416 5.93 13.83 7.60
N THR B 417 6.56 12.86 8.27
CA THR B 417 7.54 12.00 7.61
C THR B 417 6.81 10.82 6.96
N TRP B 418 7.45 10.23 5.96
CA TRP B 418 6.80 9.11 5.28
C TRP B 418 6.71 7.88 6.16
N LYS B 419 7.65 7.70 7.10
CA LYS B 419 7.60 6.53 7.97
C LYS B 419 6.34 6.54 8.83
N LYS B 420 6.02 7.69 9.41
CA LYS B 420 4.82 7.81 10.24
C LYS B 420 3.56 7.58 9.41
N ALA B 421 3.50 8.16 8.22
CA ALA B 421 2.35 7.95 7.35
C ALA B 421 2.19 6.48 7.00
N GLN B 422 3.30 5.82 6.62
CA GLN B 422 3.23 4.43 6.24
C GLN B 422 2.77 3.55 7.40
N GLU B 423 3.25 3.84 8.61
CA GLU B 423 2.82 3.04 9.74
C GLU B 423 1.44 3.44 10.25
N THR B 424 0.86 4.53 9.76
CA THR B 424 -0.49 4.91 10.15
C THR B 424 -1.54 4.78 9.05
N VAL B 425 -1.14 4.67 7.78
CA VAL B 425 -2.13 4.46 6.72
C VAL B 425 -2.64 3.02 6.77
N PRO B 426 -3.95 2.81 6.77
CA PRO B 426 -4.48 1.44 6.72
C PRO B 426 -4.46 0.86 5.31
N TRP B 427 -3.32 0.27 4.93
CA TRP B 427 -3.20 -0.32 3.60
C TRP B 427 -4.17 -1.47 3.39
N ASN B 428 -4.66 -2.09 4.47
CA ASN B 428 -5.67 -3.14 4.34
C ASN B 428 -6.95 -2.60 3.72
N ILE B 429 -7.40 -1.42 4.17
CA ILE B 429 -8.62 -0.84 3.62
C ILE B 429 -8.39 -0.41 2.17
N ILE B 430 -7.20 0.07 1.85
CA ILE B 430 -6.91 0.46 0.48
C ILE B 430 -6.98 -0.77 -0.44
N LEU B 431 -6.40 -1.88 0.01
CA LEU B 431 -6.50 -3.12 -0.76
C LEU B 431 -7.93 -3.63 -0.83
N LEU B 432 -8.73 -3.43 0.23
CA LEU B 432 -10.12 -3.82 0.20
C LEU B 432 -10.91 -3.03 -0.84
N LEU B 433 -10.67 -1.71 -0.90
CA LEU B 433 -11.30 -0.89 -1.93
C LEU B 433 -10.86 -1.35 -3.31
N GLY B 434 -9.58 -1.67 -3.47
CA GLY B 434 -9.11 -2.18 -4.74
C GLY B 434 -9.76 -3.48 -5.14
N GLY B 435 -9.93 -4.39 -4.18
CA GLY B 435 -10.62 -5.64 -4.46
C GLY B 435 -12.07 -5.43 -4.86
N GLY B 436 -12.74 -4.49 -4.20
CA GLY B 436 -14.09 -4.13 -4.62
C GLY B 436 -14.15 -3.60 -6.04
N PHE B 437 -13.22 -2.71 -6.38
CA PHE B 437 -13.18 -2.16 -7.74
C PHE B 437 -12.92 -3.26 -8.77
N ALA B 438 -11.98 -4.17 -8.46
CA ALA B 438 -11.68 -5.27 -9.36
C ALA B 438 -12.87 -6.21 -9.51
N MET B 439 -13.60 -6.46 -8.41
CA MET B 439 -14.76 -7.33 -8.51
C MET B 439 -15.85 -6.69 -9.37
N ALA B 440 -16.04 -5.37 -9.22
CA ALA B 440 -16.99 -4.68 -10.07
C ALA B 440 -16.59 -4.75 -11.54
N LYS B 441 -15.29 -4.58 -11.82
CA LYS B 441 -14.81 -4.68 -13.19
C LYS B 441 -15.04 -6.08 -13.76
N GLY B 442 -14.76 -7.11 -12.97
CA GLY B 442 -15.00 -8.46 -13.42
C GLY B 442 -16.47 -8.76 -13.64
N CYS B 443 -17.32 -8.25 -12.75
CA CYS B 443 -18.76 -8.44 -12.90
C CYS B 443 -19.27 -7.77 -14.17
N GLU B 444 -18.76 -6.59 -14.49
CA GLU B 444 -19.17 -5.92 -15.72
C GLU B 444 -18.65 -6.64 -16.95
N GLU B 445 -17.38 -7.07 -16.94
CA GLU B 445 -16.77 -7.64 -18.14
C GLU B 445 -17.29 -9.05 -18.42
N SER B 446 -17.55 -9.82 -17.37
CA SER B 446 -18.02 -11.19 -17.55
C SER B 446 -19.44 -11.27 -18.07
N GLY B 447 -20.17 -10.17 -18.09
CA GLY B 447 -21.58 -10.20 -18.42
C GLY B 447 -22.49 -10.60 -17.29
N LEU B 448 -21.96 -10.74 -16.08
CA LEU B 448 -22.79 -11.12 -14.94
C LEU B 448 -23.82 -10.05 -14.62
N SER B 449 -23.49 -8.78 -14.84
CA SER B 449 -24.46 -7.72 -14.61
C SER B 449 -25.67 -7.87 -15.52
N VAL B 450 -25.44 -8.22 -16.78
CA VAL B 450 -26.55 -8.42 -17.71
C VAL B 450 -27.42 -9.58 -17.24
N TRP B 451 -26.79 -10.66 -16.77
CA TRP B 451 -27.56 -11.80 -16.28
C TRP B 451 -28.39 -11.44 -15.05
N ILE B 452 -27.80 -10.68 -14.12
CA ILE B 452 -28.53 -10.26 -12.93
C ILE B 452 -29.70 -9.36 -13.32
N GLY B 453 -29.49 -8.44 -14.26
CA GLY B 453 -30.58 -7.61 -14.74
C GLY B 453 -31.68 -8.42 -15.39
N GLY B 454 -31.31 -9.48 -16.11
CA GLY B 454 -32.30 -10.37 -16.68
C GLY B 454 -33.10 -11.11 -15.62
N GLN B 455 -32.42 -11.55 -14.56
CA GLN B 455 -33.10 -12.26 -13.47
C GLN B 455 -33.90 -11.34 -12.56
N LEU B 456 -33.66 -10.03 -12.60
CA LEU B 456 -34.37 -9.09 -11.75
C LEU B 456 -35.72 -8.66 -12.31
N HIS B 457 -36.29 -9.44 -13.23
CA HIS B 457 -37.53 -9.08 -13.90
C HIS B 457 -38.77 -9.06 -13.01
N PRO B 458 -38.89 -9.87 -11.94
CA PRO B 458 -40.08 -9.75 -11.09
C PRO B 458 -40.21 -8.41 -10.37
N LEU B 459 -39.14 -7.63 -10.25
CA LEU B 459 -39.15 -6.40 -9.49
C LEU B 459 -39.31 -5.15 -10.34
N GLU B 460 -39.66 -5.30 -11.62
CA GLU B 460 -39.79 -4.14 -12.50
C GLU B 460 -41.03 -3.32 -12.22
N ASN B 461 -42.01 -3.86 -11.49
CA ASN B 461 -43.25 -3.16 -11.20
C ASN B 461 -43.21 -2.42 -9.86
N VAL B 462 -42.12 -2.51 -9.13
CA VAL B 462 -42.02 -1.82 -7.84
C VAL B 462 -41.84 -0.33 -8.07
N PRO B 463 -42.61 0.52 -7.40
CA PRO B 463 -42.41 1.97 -7.52
C PRO B 463 -41.01 2.36 -7.04
N PRO B 464 -40.40 3.36 -7.69
CA PRO B 464 -39.00 3.69 -7.35
C PRO B 464 -38.79 4.08 -5.89
N ALA B 465 -39.71 4.83 -5.29
CA ALA B 465 -39.55 5.20 -3.88
C ALA B 465 -39.66 3.98 -2.98
N LEU B 466 -40.62 3.10 -3.25
CA LEU B 466 -40.72 1.85 -2.50
C LEU B 466 -39.48 0.99 -2.72
N ALA B 467 -38.93 1.00 -3.94
CA ALA B 467 -37.70 0.25 -4.19
C ALA B 467 -36.54 0.80 -3.35
N VAL B 468 -36.44 2.13 -3.26
CA VAL B 468 -35.40 2.74 -2.43
C VAL B 468 -35.57 2.31 -0.98
N LEU B 469 -36.81 2.37 -0.49
CA LEU B 469 -37.07 2.00 0.90
C LEU B 469 -36.70 0.55 1.16
N LEU B 470 -37.08 -0.35 0.24
CA LEU B 470 -36.81 -1.77 0.44
C LEU B 470 -35.32 -2.09 0.37
N ILE B 471 -34.60 -1.53 -0.61
CA ILE B 471 -33.18 -1.81 -0.69
C ILE B 471 -32.44 -1.22 0.50
N THR B 472 -32.88 -0.05 0.97
CA THR B 472 -32.26 0.53 2.17
C THR B 472 -32.49 -0.35 3.39
N VAL B 473 -33.71 -0.87 3.54
CA VAL B 473 -34.00 -1.74 4.68
C VAL B 473 -33.15 -3.01 4.60
N VAL B 474 -33.08 -3.61 3.41
CA VAL B 474 -32.33 -4.85 3.24
C VAL B 474 -30.85 -4.63 3.55
N ILE B 475 -30.28 -3.54 3.02
CA ILE B 475 -28.86 -3.28 3.22
C ILE B 475 -28.56 -2.92 4.66
N ALA B 476 -29.44 -2.16 5.30
CA ALA B 476 -29.25 -1.84 6.72
C ALA B 476 -29.36 -3.07 7.59
N PHE B 477 -30.20 -4.03 7.22
CA PHE B 477 -30.25 -5.29 7.95
C PHE B 477 -28.99 -6.12 7.72
N PHE B 478 -28.53 -6.18 6.48
CA PHE B 478 -27.34 -6.99 6.16
C PHE B 478 -26.10 -6.44 6.83
N THR B 479 -25.95 -5.11 6.89
CA THR B 479 -24.75 -4.53 7.46
C THR B 479 -24.64 -4.71 8.96
N GLU B 480 -25.71 -5.17 9.62
CA GLU B 480 -25.63 -5.44 11.05
C GLU B 480 -24.75 -6.65 11.35
N PHE B 481 -24.50 -7.51 10.37
CA PHE B 481 -23.70 -8.72 10.58
C PHE B 481 -22.40 -8.76 9.79
N ALA B 482 -22.23 -7.90 8.79
CA ALA B 482 -21.03 -7.86 7.99
C ALA B 482 -20.48 -6.45 7.96
N SER B 483 -19.23 -6.32 7.55
CA SER B 483 -18.59 -5.01 7.45
C SER B 483 -19.29 -4.15 6.39
N ASN B 484 -19.28 -2.84 6.60
CA ASN B 484 -19.97 -1.93 5.69
C ASN B 484 -19.39 -2.01 4.29
N THR B 485 -18.06 -2.01 4.19
CA THR B 485 -17.41 -2.01 2.88
C THR B 485 -17.74 -3.27 2.09
N ALA B 486 -17.66 -4.44 2.75
CA ALA B 486 -18.00 -5.68 2.06
C ALA B 486 -19.47 -5.70 1.64
N THR B 487 -20.35 -5.21 2.51
CA THR B 487 -21.77 -5.18 2.19
C THR B 487 -22.03 -4.33 0.96
N ILE B 488 -21.48 -3.11 0.92
CA ILE B 488 -21.73 -2.25 -0.23
C ILE B 488 -21.07 -2.82 -1.48
N ILE B 489 -19.88 -3.42 -1.35
CA ILE B 489 -19.23 -4.04 -2.49
C ILE B 489 -20.11 -5.12 -3.10
N ILE B 490 -20.69 -5.96 -2.24
CA ILE B 490 -21.52 -7.06 -2.74
C ILE B 490 -22.81 -6.55 -3.35
N PHE B 491 -23.45 -5.56 -2.71
CA PHE B 491 -24.79 -5.17 -3.12
C PHE B 491 -24.83 -4.11 -4.21
N LEU B 492 -23.74 -3.38 -4.45
CA LEU B 492 -23.79 -2.26 -5.40
C LEU B 492 -24.10 -2.67 -6.83
N PRO B 493 -23.47 -3.71 -7.41
CA PRO B 493 -23.86 -4.10 -8.78
C PRO B 493 -25.32 -4.47 -8.89
N VAL B 494 -25.87 -5.12 -7.87
CA VAL B 494 -27.29 -5.45 -7.86
C VAL B 494 -28.13 -4.18 -7.87
N LEU B 495 -27.72 -3.17 -7.08
CA LEU B 495 -28.44 -1.90 -7.07
C LEU B 495 -28.39 -1.22 -8.42
N ALA B 496 -27.23 -1.23 -9.09
CA ALA B 496 -27.13 -0.61 -10.40
C ALA B 496 -28.02 -1.31 -11.41
N GLU B 497 -28.00 -2.64 -11.41
CA GLU B 497 -28.85 -3.38 -12.34
C GLU B 497 -30.33 -3.22 -12.03
N LEU B 498 -30.68 -3.07 -10.75
CA LEU B 498 -32.08 -2.83 -10.38
C LEU B 498 -32.52 -1.43 -10.81
N ALA B 499 -31.60 -0.46 -10.77
CA ALA B 499 -31.91 0.86 -11.31
C ALA B 499 -32.13 0.78 -12.81
N ILE B 500 -31.33 -0.03 -13.51
CA ILE B 500 -31.55 -0.27 -14.93
C ILE B 500 -32.92 -0.93 -15.13
N ARG B 501 -33.34 -1.80 -14.23
CA ARG B 501 -34.64 -2.46 -14.51
C ARG B 501 -35.78 -1.46 -14.30
N LEU B 502 -35.67 -0.44 -13.40
CA LEU B 502 -36.78 0.45 -13.14
C LEU B 502 -36.78 1.71 -14.01
N ARG B 503 -35.79 1.86 -14.89
CA ARG B 503 -35.64 3.05 -15.72
C ARG B 503 -35.54 4.32 -14.87
N VAL B 504 -34.82 4.22 -13.75
CA VAL B 504 -34.58 5.36 -12.88
C VAL B 504 -33.08 5.66 -12.91
N HIS B 505 -32.71 6.80 -12.34
CA HIS B 505 -31.31 7.19 -12.26
C HIS B 505 -30.55 6.16 -11.43
N PRO B 506 -29.41 5.65 -11.91
CA PRO B 506 -28.68 4.66 -11.11
C PRO B 506 -28.31 5.16 -9.73
N LEU B 507 -27.98 6.45 -9.61
CA LEU B 507 -27.64 7.00 -8.30
C LEU B 507 -28.82 6.92 -7.35
N TYR B 508 -30.05 7.05 -7.87
CA TYR B 508 -31.25 7.03 -7.02
C TYR B 508 -31.35 5.75 -6.22
N LEU B 509 -30.74 4.66 -6.69
CA LEU B 509 -30.66 3.42 -5.92
C LEU B 509 -29.30 3.20 -5.30
N MET B 510 -28.23 3.61 -5.96
CA MET B 510 -26.88 3.30 -5.49
C MET B 510 -26.51 4.15 -4.26
N ILE B 511 -26.86 5.43 -4.27
CA ILE B 511 -26.57 6.28 -3.12
C ILE B 511 -27.27 5.82 -1.85
N PRO B 512 -28.59 5.50 -1.87
CA PRO B 512 -29.20 4.99 -0.64
C PRO B 512 -28.54 3.72 -0.11
N GLY B 513 -28.11 2.82 -1.00
CA GLY B 513 -27.40 1.64 -0.53
C GLY B 513 -26.07 1.97 0.12
N THR B 514 -25.32 2.89 -0.47
CA THR B 514 -24.04 3.29 0.11
C THR B 514 -24.25 3.94 1.47
N VAL B 515 -25.28 4.77 1.62
CA VAL B 515 -25.54 5.39 2.91
C VAL B 515 -26.01 4.37 3.92
N GLY B 516 -26.90 3.46 3.51
CA GLY B 516 -27.49 2.51 4.43
C GLY B 516 -26.58 1.38 4.86
N CYS B 517 -25.54 1.07 4.08
CA CYS B 517 -24.57 0.09 4.53
C CYS B 517 -23.78 0.59 5.74
N SER B 518 -23.79 1.89 6.00
CA SER B 518 -23.20 2.45 7.20
C SER B 518 -24.18 2.53 8.36
N PHE B 519 -25.43 2.10 8.17
CA PHE B 519 -26.43 2.09 9.23
C PHE B 519 -26.25 0.83 10.08
N ALA B 520 -25.09 0.77 10.73
CA ALA B 520 -24.71 -0.38 11.56
C ALA B 520 -24.75 0.07 13.01
N PHE B 521 -25.85 -0.25 13.69
CA PHE B 521 -26.08 0.25 15.04
C PHE B 521 -26.44 -0.81 16.07
N MET B 522 -26.85 -2.01 15.67
CA MET B 522 -27.49 -2.93 16.60
C MET B 522 -26.53 -3.92 17.26
N LEU B 523 -25.40 -4.22 16.64
CA LEU B 523 -24.53 -5.25 17.19
C LEU B 523 -23.10 -4.75 17.28
N PRO B 524 -22.32 -5.28 18.24
CA PRO B 524 -20.88 -4.94 18.27
C PRO B 524 -20.14 -5.36 17.03
N VAL B 525 -20.55 -6.45 16.37
CA VAL B 525 -19.89 -6.92 15.16
C VAL B 525 -20.28 -6.10 13.94
N SER B 526 -21.30 -5.24 14.05
CA SER B 526 -21.78 -4.48 12.90
C SER B 526 -20.68 -3.57 12.36
N THR B 527 -19.96 -2.87 13.24
CA THR B 527 -18.91 -1.95 12.83
C THR B 527 -17.88 -1.87 13.94
N PRO B 528 -16.61 -1.64 13.62
CA PRO B 528 -15.56 -1.63 14.65
C PRO B 528 -15.81 -0.61 15.75
N PRO B 529 -16.37 0.58 15.46
CA PRO B 529 -16.70 1.48 16.58
C PRO B 529 -17.64 0.87 17.60
N ASN B 530 -18.60 0.05 17.15
CA ASN B 530 -19.48 -0.65 18.09
C ASN B 530 -18.69 -1.61 18.97
N SER B 531 -17.71 -2.31 18.38
CA SER B 531 -16.87 -3.20 19.16
C SER B 531 -16.06 -2.42 20.19
N ILE B 532 -15.53 -1.26 19.79
CA ILE B 532 -14.76 -0.44 20.73
C ILE B 532 -15.62 0.01 21.90
N ALA B 533 -16.86 0.44 21.60
CA ALA B 533 -17.77 0.83 22.67
C ALA B 533 -18.10 -0.35 23.58
N PHE B 534 -18.36 -1.52 23.00
CA PHE B 534 -18.67 -2.70 23.79
C PHE B 534 -17.49 -3.12 24.65
N ALA B 535 -16.26 -2.83 24.21
CA ALA B 535 -15.08 -3.18 24.99
C ALA B 535 -15.03 -2.45 26.32
N SER B 536 -15.79 -1.36 26.48
CA SER B 536 -15.87 -0.69 27.78
C SER B 536 -16.47 -1.61 28.83
N GLY B 537 -17.34 -2.53 28.43
CA GLY B 537 -17.88 -3.54 29.32
C GLY B 537 -19.19 -3.19 29.98
N HIS B 538 -19.64 -1.94 29.89
CA HIS B 538 -20.86 -1.52 30.56
C HIS B 538 -22.01 -1.28 29.58
N LEU B 539 -21.86 -1.70 28.33
CA LEU B 539 -22.94 -1.68 27.36
C LEU B 539 -23.40 -3.11 27.12
N LEU B 540 -24.71 -3.33 27.20
CA LEU B 540 -25.28 -4.66 26.95
C LEU B 540 -25.68 -4.79 25.49
N VAL B 541 -25.78 -6.05 25.05
CA VAL B 541 -26.21 -6.31 23.67
C VAL B 541 -27.64 -5.84 23.46
N LYS B 542 -28.51 -6.08 24.44
CA LYS B 542 -29.92 -5.70 24.30
C LYS B 542 -30.08 -4.19 24.21
N ASP B 543 -29.30 -3.44 24.99
CA ASP B 543 -29.37 -1.98 24.94
C ASP B 543 -28.99 -1.47 23.56
N MET B 544 -27.89 -1.98 23.02
CA MET B 544 -27.45 -1.58 21.69
C MET B 544 -28.48 -1.98 20.64
N VAL B 545 -29.08 -3.16 20.79
CA VAL B 545 -30.07 -3.62 19.83
C VAL B 545 -31.30 -2.71 19.83
N ARG B 546 -31.81 -2.40 21.03
CA ARG B 546 -33.04 -1.61 21.11
C ARG B 546 -32.82 -0.13 20.80
N THR B 547 -31.59 0.38 20.94
CA THR B 547 -31.31 1.70 20.42
C THR B 547 -31.14 1.69 18.91
N GLY B 548 -30.41 0.70 18.38
CA GLY B 548 -30.11 0.64 16.98
C GLY B 548 -31.29 0.29 16.11
N LEU B 549 -32.31 -0.36 16.67
CA LEU B 549 -33.53 -0.61 15.88
C LEU B 549 -34.17 0.70 15.45
N LEU B 550 -34.42 1.60 16.41
CA LEU B 550 -34.99 2.89 16.07
C LEU B 550 -33.99 3.75 15.32
N MET B 551 -32.69 3.61 15.60
CA MET B 551 -31.69 4.32 14.81
C MET B 551 -31.78 3.93 13.33
N ASN B 552 -31.90 2.63 13.06
CA ASN B 552 -32.04 2.15 11.70
C ASN B 552 -33.32 2.64 11.06
N LEU B 553 -34.43 2.62 11.80
CA LEU B 553 -35.69 3.10 11.25
C LEU B 553 -35.60 4.58 10.88
N MET B 554 -35.09 5.40 11.78
CA MET B 554 -34.96 6.83 11.51
C MET B 554 -33.98 7.08 10.37
N GLY B 555 -32.91 6.30 10.29
CA GLY B 555 -31.97 6.46 9.19
C GLY B 555 -32.59 6.13 7.85
N VAL B 556 -33.36 5.05 7.78
CA VAL B 556 -34.02 4.69 6.53
C VAL B 556 -35.02 5.77 6.13
N LEU B 557 -35.81 6.27 7.09
CA LEU B 557 -36.79 7.29 6.76
C LEU B 557 -36.12 8.58 6.30
N LEU B 558 -35.08 9.02 7.00
CA LEU B 558 -34.38 10.25 6.61
C LEU B 558 -33.65 10.08 5.29
N LEU B 559 -33.12 8.89 5.02
CA LEU B 559 -32.48 8.63 3.72
C LEU B 559 -33.50 8.70 2.60
N SER B 560 -34.69 8.14 2.81
CA SER B 560 -35.75 8.25 1.80
C SER B 560 -36.14 9.71 1.58
N LEU B 561 -36.29 10.47 2.66
CA LEU B 561 -36.63 11.88 2.53
C LEU B 561 -35.56 12.63 1.74
N ALA B 562 -34.29 12.41 2.08
CA ALA B 562 -33.20 13.09 1.39
C ALA B 562 -33.15 12.70 -0.08
N MET B 563 -33.33 11.41 -0.37
CA MET B 563 -33.21 10.94 -1.75
C MET B 563 -34.40 11.35 -2.59
N ASN B 564 -35.54 11.66 -1.98
CA ASN B 564 -36.71 12.08 -2.73
C ASN B 564 -36.96 13.59 -2.69
N THR B 565 -36.19 14.35 -1.92
CA THR B 565 -36.42 15.79 -1.82
C THR B 565 -35.29 16.62 -2.43
N TRP B 566 -34.06 16.47 -1.95
CA TRP B 566 -32.97 17.33 -2.41
C TRP B 566 -31.83 16.60 -3.10
N ALA B 567 -31.78 15.27 -3.03
CA ALA B 567 -30.85 14.54 -3.87
C ALA B 567 -31.22 14.65 -5.34
N GLN B 568 -32.52 14.81 -5.63
CA GLN B 568 -32.96 14.97 -7.01
C GLN B 568 -32.37 16.24 -7.64
N THR B 569 -32.31 17.33 -6.88
CA THR B 569 -31.75 18.56 -7.42
C THR B 569 -30.23 18.49 -7.51
N ILE B 570 -29.58 17.87 -6.52
CA ILE B 570 -28.13 17.85 -6.48
C ILE B 570 -27.56 16.94 -7.57
N PHE B 571 -28.10 15.73 -7.69
CA PHE B 571 -27.57 14.75 -8.62
C PHE B 571 -28.39 14.64 -9.89
N GLN B 572 -29.39 15.51 -10.06
CA GLN B 572 -30.26 15.53 -11.25
C GLN B 572 -30.90 14.15 -11.47
N LEU B 573 -31.54 13.64 -10.42
CA LEU B 573 -32.12 12.30 -10.47
C LEU B 573 -33.49 12.25 -11.12
N GLY B 574 -34.07 13.40 -11.47
CA GLY B 574 -35.43 13.41 -11.99
C GLY B 574 -35.57 12.69 -13.32
N THR B 575 -34.59 12.86 -14.21
CA THR B 575 -34.61 12.24 -15.52
C THR B 575 -33.63 11.08 -15.59
N PHE B 576 -33.94 10.14 -16.47
CA PHE B 576 -33.07 8.99 -16.67
C PHE B 576 -31.85 9.40 -17.49
N PRO B 577 -30.64 9.23 -16.98
CA PRO B 577 -29.46 9.70 -17.72
C PRO B 577 -29.22 8.88 -18.98
N ASP B 578 -28.61 9.53 -19.97
CA ASP B 578 -28.35 8.88 -21.24
C ASP B 578 -27.31 7.78 -21.11
N TRP B 579 -26.28 8.01 -20.29
CA TRP B 579 -25.21 7.02 -20.14
C TRP B 579 -25.68 5.75 -19.42
N ALA B 580 -26.84 5.78 -18.79
CA ALA B 580 -27.38 4.59 -18.12
C ALA B 580 -28.21 3.72 -19.05
N ASP B 581 -28.43 4.14 -20.29
CA ASP B 581 -29.23 3.37 -21.24
C ASP B 581 -28.34 2.49 -22.12
NA NA C . 17.06 -8.53 -2.45
NA NA D . 22.58 3.22 -6.23
C01 C14 E . 6.75 21.40 -5.13
C02 C14 E . 6.97 20.31 -6.15
C03 C14 E . 6.13 20.47 -7.41
C04 C14 E . 6.38 21.74 -8.18
C05 C14 E . 5.60 21.84 -9.46
C06 C14 E . 5.89 23.08 -10.27
C07 C14 E . 5.24 23.10 -11.62
C08 C14 E . 5.65 24.25 -12.51
C09 C14 E . 5.19 24.13 -13.94
C10 C14 E . 5.81 25.16 -14.87
C11 C14 E . 5.59 24.88 -16.33
C12 C14 E . 4.19 25.12 -16.82
C13 C14 E . 3.76 26.56 -16.78
C14 C14 E . 2.39 26.81 -17.39
C01 C14 F . -0.03 21.76 -6.74
C02 C14 F . 0.83 22.14 -7.91
C03 C14 F . 0.05 22.44 -9.16
C04 C14 F . 0.90 22.84 -10.35
C05 C14 F . 0.12 23.08 -11.62
C06 C14 F . 0.97 23.44 -12.81
C07 C14 F . 0.21 23.55 -14.11
C08 C14 F . 1.06 23.90 -15.29
C09 C14 F . 0.32 23.90 -16.61
C10 C14 F . -0.87 24.84 -16.66
C11 C14 F . -1.53 24.92 -18.01
C12 C14 F . -2.00 23.59 -18.56
C13 C14 F . -2.70 23.69 -19.90
C14 C14 F . -1.87 24.33 -20.98
P 3PE G . 16.78 21.75 -27.46
N 3PE G . 14.85 19.90 -30.98
O11 3PE G . 17.04 20.59 -26.40
O12 3PE G . 18.07 22.50 -27.67
O13 3PE G . 16.48 20.95 -28.83
O14 3PE G . 15.53 22.50 -27.07
C11 3PE G . 16.28 21.68 -30.06
C12 3PE G . 16.06 20.72 -31.19
C1 3PE G . 17.71 20.92 -25.14
C2 3PE G . 17.92 19.66 -24.32
C3 3PE G . 16.69 19.23 -23.56
O31 3PE G . 17.05 18.17 -22.65
O32 3PE G . 17.69 19.68 -21.15
C31 3PE G . 17.61 18.53 -21.51
C32 3PE G . 18.13 17.36 -20.73
C33 3PE G . 19.54 17.51 -20.26
C34 3PE G . 20.12 16.21 -19.73
C35 3PE G . 19.27 15.54 -18.68
C36 3PE G . 19.27 16.22 -17.33
C37 3PE G . 20.53 16.02 -16.53
C38 3PE G . 20.92 14.58 -16.31
C39 3PE G . 19.84 13.72 -15.71
C3A 3PE G . 19.87 13.57 -14.20
C3B 3PE G . 19.53 14.83 -13.43
C3C 3PE G . 19.38 14.60 -11.94
C3D 3PE G . 20.61 14.03 -11.28
C3E 3PE G . 21.71 15.02 -11.03
C3F 3PE G . 21.44 15.94 -9.85
C3G 3PE G . 22.56 16.91 -9.57
C3H 3PE G . 22.42 17.66 -8.27
C3I 3PE G . 22.45 16.77 -7.05
O21 3PE G . 18.29 18.57 -25.20
O22 3PE G . 20.35 19.39 -25.51
C21 3PE G . 19.49 18.61 -25.81
C22 3PE G . 19.64 17.58 -26.89
C23 3PE G . 20.05 16.23 -26.39
C24 3PE G . 18.99 15.57 -25.52
C25 3PE G . 19.40 14.24 -24.94
C26 3PE G . 18.39 13.64 -24.00
C27 3PE G . 17.94 14.56 -22.91
C28 3PE G . 17.06 13.92 -21.86
C29 3PE G . 17.74 12.83 -21.07
C2A 3PE G . 16.94 12.31 -19.91
C2B 3PE G . 15.59 11.75 -20.29
C2C 3PE G . 14.79 11.21 -19.12
C1 CLR H . 19.19 26.60 -22.26
C2 CLR H . 19.83 26.67 -23.66
C3 CLR H . 18.85 26.22 -24.72
C4 CLR H . 18.52 24.74 -24.50
C5 CLR H . 18.78 24.27 -23.08
C6 CLR H . 19.23 23.05 -22.87
C7 CLR H . 19.33 22.39 -21.53
C8 CLR H . 18.69 23.22 -20.43
C9 CLR H . 19.06 24.70 -20.62
C10 CLR H . 18.50 25.26 -21.96
C11 CLR H . 18.69 25.56 -19.41
C12 CLR H . 19.21 24.99 -18.08
C13 CLR H . 18.67 23.58 -17.86
C14 CLR H . 19.15 22.74 -19.06
C15 CLR H . 18.89 21.29 -18.64
C16 CLR H . 18.96 21.30 -17.10
C17 CLR H . 19.28 22.76 -16.69
C18 CLR H . 17.13 23.59 -17.74
C19 CLR H . 16.97 25.45 -21.88
C20 CLR H . 18.88 23.08 -15.23
C21 CLR H . 19.69 24.23 -14.62
C22 CLR H . 18.94 21.83 -14.34
C23 CLR H . 20.30 21.45 -13.82
C24 CLR H . 20.26 20.37 -12.76
C25 CLR H . 19.84 20.81 -11.34
C26 CLR H . 18.33 20.87 -11.18
C27 CLR H . 20.46 19.92 -10.28
O1 CLR H . 17.65 27.00 -24.62
C1 CLR I . 31.60 -8.54 -30.59
C2 CLR I . 30.90 -8.67 -31.95
C3 CLR I . 30.94 -10.10 -32.46
C4 CLR I . 30.35 -11.05 -31.44
C5 CLR I . 31.00 -10.91 -30.08
C6 CLR I . 31.48 -11.96 -29.44
C7 CLR I . 31.98 -11.97 -28.03
C8 CLR I . 31.76 -10.64 -27.31
C9 CLR I . 31.99 -9.46 -28.28
C10 CLR I . 31.04 -9.49 -29.51
C11 CLR I . 31.95 -8.11 -27.54
C12 CLR I . 32.88 -8.06 -26.31
C13 CLR I . 32.60 -9.21 -25.33
C14 CLR I . 32.73 -10.51 -26.14
C15 CLR I . 32.73 -11.61 -25.07
C16 CLR I . 33.55 -10.98 -23.92
C17 CLR I . 33.67 -9.46 -24.22
C18 CLR I . 31.22 -9.05 -24.69
C19 CLR I . 29.61 -9.06 -29.13
C20 CLR I . 33.64 -8.62 -22.93
C21 CLR I . 33.70 -7.12 -23.19
C22 CLR I . 34.80 -9.07 -22.01
C23 CLR I . 34.38 -9.59 -20.67
C24 CLR I . 34.79 -11.02 -20.44
C25 CLR I . 35.15 -11.38 -19.00
C26 CLR I . 35.32 -12.88 -18.83
C27 CLR I . 34.09 -10.86 -18.03
O1 CLR I . 30.18 -10.18 -33.68
C1 CLR J . 4.78 -30.19 -18.26
C2 CLR J . 4.37 -29.92 -19.71
C3 CLR J . 2.88 -30.04 -19.90
C4 CLR J . 2.16 -29.10 -18.97
C5 CLR J . 2.56 -29.31 -17.52
C6 CLR J . 1.66 -29.53 -16.59
C7 CLR J . 1.94 -29.65 -15.12
C8 CLR J . 3.37 -29.23 -14.76
C9 CLR J . 4.35 -29.80 -15.80
C10 CLR J . 4.06 -29.27 -17.24
C11 CLR J . 5.81 -29.55 -15.37
C12 CLR J . 6.11 -30.08 -13.96
C13 CLR J . 5.17 -29.44 -12.91
C14 CLR J . 3.73 -29.76 -13.38
C15 CLR J . 2.86 -29.37 -12.19
C16 CLR J . 3.72 -29.75 -10.97
C17 CLR J . 5.13 -30.12 -11.50
C18 CLR J . 5.42 -27.93 -12.79
C19 CLR J . 4.54 -27.82 -17.41
C20 CLR J . 6.23 -29.89 -10.45
C21 CLR J . 7.65 -29.94 -11.02
C22 CLR J . 6.12 -30.92 -9.31
C23 CLR J . 5.25 -30.57 -8.13
C24 CLR J . 5.81 -29.46 -7.26
C25 CLR J . 5.38 -28.04 -7.61
C26 CLR J . 5.95 -27.03 -6.63
C27 CLR J . 3.87 -27.92 -7.68
O1 CLR J . 2.53 -29.75 -21.26
P 3PE K . 19.15 -30.27 10.80
N 3PE K . 21.04 -32.33 13.31
O11 3PE K . 19.82 -29.66 9.47
O12 3PE K . 17.87 -29.53 11.12
O13 3PE K . 20.22 -29.90 11.93
O14 3PE K . 19.10 -31.77 10.61
C11 3PE K . 19.90 -30.14 13.34
C12 3PE K . 19.79 -31.61 13.61
C1 3PE K . 19.24 -29.94 8.16
C2 3PE K . 17.86 -29.32 8.02
C3 3PE K . 17.81 -27.84 8.28
O31 3PE K . 16.59 -27.32 7.70
O32 3PE K . 17.67 -26.00 6.27
C31 3PE K . 16.73 -26.69 6.54
C32 3PE K . 15.62 -27.06 5.60
C33 3PE K . 14.60 -25.98 5.43
C34 3PE K . 13.71 -25.81 6.66
C35 3PE K . 12.44 -26.64 6.66
C36 3PE K . 12.61 -28.11 6.94
C37 3PE K . 12.63 -29.01 5.71
C38 3PE K . 11.41 -28.90 4.83
C39 3PE K . 11.28 -29.99 3.81
C3A 3PE K . 12.52 -30.23 2.99
C3B 3PE K . 12.35 -30.02 1.49
C3C 3PE K . 11.29 -30.89 0.85
C3D 3PE K . 11.35 -30.91 -0.65
C3E 3PE K . 11.20 -29.56 -1.30
C3F 3PE K . 9.86 -28.89 -1.06
C3G 3PE K . 8.67 -29.67 -1.57
C3H 3PE K . 8.60 -29.79 -3.07
C3I 3PE K . 8.44 -28.47 -3.78
O21 3PE K . 17.31 -29.57 6.70
O22 3PE K . 16.92 -31.74 7.14
C21 3PE K . 16.82 -30.79 6.40
C22 3PE K . 16.10 -30.78 5.09
C23 3PE K . 16.95 -30.30 3.96
C24 3PE K . 16.13 -29.97 2.72
C25 3PE K . 16.95 -29.49 1.55
C26 3PE K . 16.15 -28.98 0.38
C27 3PE K . 16.98 -28.61 -0.83
C28 3PE K . 16.21 -27.98 -1.96
C29 3PE K . 15.03 -28.78 -2.45
C2A 3PE K . 14.42 -28.26 -3.73
C2B 3PE K . 14.06 -26.79 -3.68
C2C 3PE K . 13.56 -26.24 -4.99
C2D 3PE K . 13.29 -24.75 -4.97
C2E 3PE K . 14.50 -23.92 -4.63
C2F 3PE K . 14.24 -22.44 -4.59
C1 CLR L . -6.38 -25.95 16.57
C2 CLR L . -6.92 -26.44 17.91
C3 CLR L . -5.83 -26.92 18.82
C4 CLR L . -4.76 -27.66 18.05
C5 CLR L . -5.25 -28.14 16.70
C6 CLR L . -5.28 -29.44 16.40
C7 CLR L . -5.91 -30.01 15.17
C8 CLR L . -6.25 -28.98 14.10
C9 CLR L . -6.77 -27.69 14.77
C10 CLR L . -5.72 -27.07 15.74
C11 CLR L . -7.29 -26.68 13.74
C12 CLR L . -8.35 -27.29 12.80
C13 CLR L . -7.80 -28.54 12.07
C14 CLR L . -7.32 -29.51 13.17
C15 CLR L . -7.07 -30.82 12.43
C16 CLR L . -8.15 -30.84 11.33
C17 CLR L . -8.85 -29.45 11.37
C18 CLR L . -6.67 -28.15 11.10
C19 CLR L . -4.50 -26.51 14.97
C20 CLR L . -9.44 -29.07 10.00
C21 CLR L . -10.31 -27.81 10.02
C22 CLR L . -10.24 -30.25 9.43
C23 CLR L . -10.72 -30.08 8.00
C24 CLR L . -11.56 -31.25 7.54
C25 CLR L . -12.03 -31.18 6.08
C26 CLR L . -12.91 -32.39 5.73
C27 CLR L . -10.85 -31.09 5.12
O1 CLR L . -5.24 -25.82 19.52
C01 C14 M . 8.55 -35.42 7.94
C02 C14 M . 8.08 -34.22 7.17
C03 C14 M . 7.03 -33.42 7.90
C04 C14 M . 6.56 -32.18 7.18
C05 C14 M . 5.58 -31.34 7.95
C06 C14 M . 5.21 -30.04 7.31
C07 C14 M . 4.43 -30.16 6.02
C08 C14 M . 4.02 -28.84 5.43
C09 C14 M . 3.20 -28.94 4.17
C10 C14 M . 2.78 -27.60 3.61
C11 C14 M . 1.95 -27.69 2.34
C12 C14 M . 1.55 -26.36 1.78
C13 C14 M . 0.72 -26.43 0.52
C14 C14 M . -0.59 -27.15 0.70
NA NA N . -14.65 8.28 9.29
NA NA O . -21.61 -3.30 9.09
C01 C14 P . -9.01 -21.22 -1.05
C02 C14 P . -9.80 -20.07 -1.64
C03 C14 P . -9.94 -20.13 -3.15
C04 C14 P . -10.64 -21.36 -3.67
C05 C14 P . -10.83 -21.37 -5.17
C06 C14 P . -11.60 -22.55 -5.69
C07 C14 P . -11.93 -22.48 -7.16
C08 C14 P . -12.84 -23.57 -7.65
C09 C14 P . -13.37 -23.37 -9.05
C10 C14 P . -14.45 -24.33 -9.45
C11 C14 P . -15.20 -23.97 -10.70
C12 C14 P . -14.40 -24.14 -11.98
C13 C14 P . -14.09 -25.58 -12.31
C14 C14 P . -13.40 -25.76 -13.63
C01 C14 Q . -4.74 -21.35 -6.57
C02 C14 Q . -6.15 -21.67 -6.96
C03 C14 Q . -6.33 -21.88 -8.44
C04 C14 Q . -7.74 -22.22 -8.86
C05 C14 Q . -7.93 -22.36 -10.35
C06 C14 Q . -9.35 -22.66 -10.76
C07 C14 Q . -9.57 -22.67 -12.26
C08 C14 Q . -10.98 -22.96 -12.68
C09 C14 Q . -11.22 -22.87 -14.17
C10 C14 Q . -10.35 -23.78 -15.00
C11 C14 Q . -10.67 -23.77 -16.47
C12 C14 Q . -10.63 -22.40 -17.11
C13 C14 Q . -10.91 -22.40 -18.59
C14 C14 Q . -12.26 -22.98 -18.95
P 3PE R . -30.80 -20.35 -12.20
N 3PE R . -31.45 -18.24 -16.02
O11 3PE R . -30.30 -19.26 -11.13
O12 3PE R . -31.96 -21.09 -11.60
O13 3PE R . -31.39 -19.46 -13.39
O14 3PE R . -29.60 -21.10 -12.71
C11 3PE R . -32.02 -20.11 -14.53
C12 3PE R . -32.54 -19.07 -15.49
C1 3PE R . -30.05 -19.67 -9.77
C2 3PE R . -29.67 -18.49 -8.91
C3 3PE R . -28.22 -18.07 -9.06
O31 3PE R . -27.92 -17.08 -8.06
O32 3PE R . -27.52 -18.69 -6.59
C31 3PE R . -27.64 -17.53 -6.84
C32 3PE R . -27.53 -16.41 -5.85
C33 3PE R . -28.35 -16.62 -4.61
C34 3PE R . -28.44 -15.37 -3.75
C35 3PE R . -27.11 -14.74 -3.42
C36 3PE R . -26.28 -15.51 -2.42
C37 3PE R . -26.76 -15.39 -0.99
C38 3PE R . -26.89 -13.97 -0.49
C39 3PE R . -25.64 -13.12 -0.64
C3A 3PE R . -24.72 -13.08 0.56
C3B 3PE R . -24.01 -14.38 0.87
C3C 3PE R . -22.96 -14.24 1.95
C3D 3PE R . -23.49 -13.72 3.26
C3E 3PE R . -24.21 -14.76 4.09
C3F 3PE R . -23.30 -15.75 4.78
C3G 3PE R . -24.02 -16.75 5.65
C3H 3PE R . -23.11 -17.58 6.52
C3I 3PE R . -22.35 -16.76 7.54
O21 3PE R . -30.49 -17.35 -9.31
O22 3PE R . -32.30 -18.19 -8.30
C21 3PE R . -31.80 -17.37 -9.03
C22 3PE R . -32.57 -16.27 -9.72
C23 3PE R . -32.55 -14.96 -8.99
C24 3PE R . -31.15 -14.35 -8.93
C25 3PE R . -31.08 -13.06 -8.14
C26 3PE R . -29.69 -12.49 -8.01
C27 3PE R . -28.68 -13.48 -7.49
C28 3PE R . -27.33 -12.89 -7.18
C29 3PE R . -27.33 -11.86 -6.07
C2A 3PE R . -25.97 -11.40 -5.64
C2B 3PE R . -25.14 -10.80 -6.75
C2C 3PE R . -23.78 -10.32 -6.30
C1 CLR S . -29.56 -25.56 -6.94
C2 CLR S . -30.92 -25.55 -7.63
C3 CLR S . -30.81 -25.01 -9.03
C4 CLR S . -30.38 -23.55 -8.98
C5 CLR S . -29.69 -23.17 -7.69
C6 CLR S . -29.88 -21.98 -7.16
C7 CLR S . -29.11 -21.40 -6.02
C8 CLR S . -27.94 -22.29 -5.61
C9 CLR S . -28.39 -23.75 -5.63
C10 CLR S . -28.79 -24.22 -7.06
C11 CLR S . -27.35 -24.69 -4.96
C12 CLR S . -26.91 -24.21 -3.58
C13 CLR S . -26.32 -22.81 -3.65
C14 CLR S . -27.43 -21.90 -4.23
C15 CLR S . -26.93 -20.48 -3.98
C16 CLR S . -26.02 -20.58 -2.74
C17 CLR S . -26.06 -22.07 -2.31
C18 CLR S . -25.05 -22.80 -4.52
C19 CLR S . -27.55 -24.40 -7.96
C20 CLR S . -24.85 -22.49 -1.44
C21 CLR S . -25.12 -23.68 -0.53
C22 CLR S . -24.29 -21.30 -0.64
C23 CLR S . -25.02 -20.97 0.65
C24 CLR S . -24.30 -19.96 1.51
C25 CLR S . -23.10 -20.48 2.32
C26 CLR S . -21.82 -20.53 1.51
C27 CLR S . -22.89 -19.67 3.60
O1 CLR S . -29.84 -25.77 -9.76
C1 CLR T . -43.57 9.80 -3.54
C2 CLR T . -43.86 10.04 -5.02
C3 CLR T . -44.18 11.48 -5.32
C4 CLR T . -43.05 12.38 -4.82
C5 CLR T . -42.72 12.14 -3.38
C6 CLR T . -42.66 13.15 -2.52
C7 CLR T . -42.18 13.06 -1.10
C8 CLR T . -41.59 11.68 -0.76
C9 CLR T . -42.40 10.56 -1.44
C10 CLR T . -42.44 10.70 -2.98
C11 CLR T . -41.95 9.17 -0.96
C12 CLR T . -41.91 9.03 0.57
C13 CLR T . -41.05 10.12 1.22
C14 CLR T . -41.61 11.48 0.75
C15 CLR T . -40.93 12.50 1.65
C16 CLR T . -40.86 11.78 3.01
C17 CLR T . -41.18 10.28 2.76
C18 CLR T . -39.56 9.94 0.85
C19 CLR T . -41.09 10.27 -3.62
C20 CLR T . -40.37 9.37 3.71
C21 CLR T . -40.62 7.89 3.45
C22 CLR T . -40.69 9.72 5.17
C23 CLR T . -39.51 10.18 5.99
C24 CLR T . -39.66 11.58 6.51
C25 CLR T . -39.03 11.84 7.88
C26 CLR T . -39.02 13.32 8.22
C27 CLR T . -37.61 11.28 7.95
O1 CLR T . -44.34 11.66 -6.73
C1 CLR U . -14.38 31.12 -9.37
C2 CLR U . -14.98 30.95 -10.77
C3 CLR U . -13.93 31.12 -11.84
C4 CLR U . -12.80 30.13 -11.62
C5 CLR U . -12.22 30.24 -10.23
C6 CLR U . -10.92 30.43 -10.05
C7 CLR U . -10.23 30.45 -8.73
C8 CLR U . -11.11 29.97 -7.59
C9 CLR U . -12.52 30.58 -7.75
C10 CLR U . -13.21 30.15 -9.08
C11 CLR U . -13.39 30.29 -6.52
C12 CLR U . -12.73 30.71 -5.20
C13 CLR U . -11.36 30.04 -5.01
C14 CLR U . -10.53 30.40 -6.25
C15 CLR U . -9.12 29.96 -5.89
C16 CLR U . -9.02 30.25 -4.38
C17 CLR U . -10.44 30.63 -3.90
C18 CLR U . -11.51 28.51 -4.85
C19 CLR U . -13.73 28.71 -9.00
C20 CLR U . -10.65 30.30 -2.39
C21 CLR U . -12.11 30.37 -1.95
C22 CLR U . -9.83 31.27 -1.53
C23 CLR U . -8.41 30.86 -1.16
C24 CLR U . -8.34 29.69 -0.20
C25 CLR U . -8.27 28.30 -0.84
C26 CLR U . -8.12 27.21 0.22
C27 CLR U . -7.13 28.21 -1.84
O1 CLR U . -14.51 30.92 -13.14
P 3PE V . -7.45 29.11 22.23
N 3PE V . -7.33 30.97 25.49
O11 3PE V . -8.83 28.57 21.58
O12 3PE V . -6.29 28.37 21.64
O13 3PE V . -7.60 28.65 23.77
O14 3PE V . -7.51 30.60 22.15
C11 3PE V . -6.47 28.80 24.68
C12 3PE V . -6.17 30.26 24.91
C1 3PE V . -9.18 28.94 20.22
C2 3PE V . -8.21 28.37 19.21
C3 3PE V . -8.05 26.87 19.29
O31 3PE V . -7.48 26.40 18.05
O32 3PE V . -9.24 25.15 17.52
C31 3PE V . -8.33 25.85 17.19
C32 3PE V . -8.04 26.30 15.77
C33 3PE V . -7.36 25.25 14.95
C34 3PE V . -5.91 25.02 15.35
C35 3PE V . -4.89 25.87 14.60
C36 3PE V . -4.82 27.33 15.01
C37 3PE V . -5.58 28.29 14.13
C38 3PE V . -5.18 28.25 12.68
C39 3PE V . -5.68 29.41 11.86
C3A 3PE V . -7.16 29.68 12.01
C3B 3PE V . -7.96 29.57 10.73
C3C 3PE V . -7.52 30.50 9.63
C3D 3PE V . -8.50 30.61 8.48
C3E 3PE V . -8.82 29.31 7.79
C3F 3PE V . -7.65 28.65 7.12
C3G 3PE V . -7.02 29.48 6.02
C3H 3PE V . -7.90 29.70 4.82
C3I 3PE V . -8.25 28.43 4.09
O21 3PE V . -8.61 28.70 17.85
O22 3PE V . -7.97 30.85 18.09
C21 3PE V . -8.38 29.94 17.39
C22 3PE V . -8.63 30.03 15.92
C23 3PE V . -10.01 29.60 15.53
C24 3PE V . -10.16 29.37 14.03
C25 3PE V . -11.54 28.95 13.61
C26 3PE V . -11.65 28.53 12.16
C27 3PE V . -13.06 28.22 11.73
C28 3PE V . -13.18 27.67 10.33
C29 3PE V . -12.55 28.53 9.26
C2A 3PE V . -12.88 28.10 7.85
C2B 3PE V . -12.62 26.64 7.57
C2C 3PE V . -13.05 26.18 6.21
C2D 3PE V . -12.87 24.70 5.96
C2E 3PE V . -13.61 23.83 6.94
C2F 3PE V . -13.43 22.35 6.70
C1 CLR W . 15.97 24.89 10.53
C2 CLR W . 17.24 25.32 11.26
C3 CLR W . 16.97 25.73 12.68
C4 CLR W . 15.67 26.49 12.80
C5 CLR W . 15.22 27.06 11.46
C6 CLR W . 15.09 28.37 11.29
C7 CLR W . 14.82 29.04 9.98
C8 CLR W . 14.40 28.08 8.87
C9 CLR W . 15.19 26.76 8.99
C10 CLR W . 14.95 26.05 10.35
C11 CLR W . 14.92 25.83 7.79
C12 CLR W . 15.18 26.52 6.44
C13 CLR W . 14.33 27.79 6.29
C14 CLR W . 14.67 28.68 7.50
C15 CLR W . 14.04 30.04 7.16
C16 CLR W . 14.20 30.14 5.63
C17 CLR W . 14.73 28.76 5.14
C18 CLR W . 12.83 27.45 6.22
C19 CLR W . 13.52 25.54 10.49
C20 CLR W . 14.32 28.48 3.68
C21 CLR W . 14.99 27.24 3.10
C22 CLR W . 14.62 29.71 2.81
C23 CLR W . 14.12 29.65 1.39
C24 CLR W . 14.50 30.86 0.57
C25 CLR W . 13.96 30.90 -0.85
C26 CLR W . 14.45 32.13 -1.60
C27 CLR W . 12.44 30.84 -0.87
O1 CLR W . 16.91 24.57 13.52
C01 C14 X . -0.84 34.63 13.70
C02 C14 X . -0.99 33.47 12.74
C03 C14 X . 0.27 32.66 12.59
C04 C14 X . 0.16 31.47 11.67
C05 C14 X . 1.40 30.62 11.61
C06 C14 X . 1.24 29.36 10.79
C07 C14 X . 1.05 29.58 9.32
C08 C14 X . 0.97 28.30 8.52
C09 C14 X . 0.82 28.49 7.03
C10 C14 X . 0.76 27.20 6.25
C11 C14 X . 0.63 27.39 4.75
C12 C14 X . 0.55 26.09 3.98
C13 C14 X . 0.41 26.26 2.49
C14 C14 X . 1.58 26.98 1.85
#